data_3DW9
#
_entry.id   3DW9
#
_cell.length_a   58.261
_cell.length_b   117.101
_cell.length_c   63.702
_cell.angle_alpha   90.00
_cell.angle_beta   112.96
_cell.angle_gamma   90.00
#
_symmetry.space_group_name_H-M   'P 1 21 1'
#
loop_
_entity.id
_entity.type
_entity.pdbx_description
1 polymer "DNA (5'-D(*DGP*DAP*DGP*DTP*DCP*DCP*DAP*DCP*DCP*DGP*DGP*DTP*DGP*DGP*DAP*DCP*DTP*DC)-3')"
2 polymer 'SgraIR restriction enzyme'
3 non-polymer 'MANGANESE (II) ION'
4 water water
#
loop_
_entity_poly.entity_id
_entity_poly.type
_entity_poly.pdbx_seq_one_letter_code
_entity_poly.pdbx_strand_id
1 'polydeoxyribonucleotide' (DG)(DA)(DG)(DT)(DC)(DC)(DA)(DC)(DC)(DG)(DG)(DT)(DG)(DG)(DA)(DC)(DT)(DC) E,F
2 'polypeptide(L)'
;PFTYSIEATRNLATTERCIQDIRNAPVRNRSTQFQLAQQNMLAYTFGEVIPGFASAGINGMDYRDVIGRPVENAVTEGTH
FFRDDFRVDSNAKAKVAGDIFEIVSSAVMWNCAARWNSLMVGEGWRSQPRYSRPTLSPSPRRQVAVLNLPRSFDWVSLLV
PESQEVIEEFRAGLRKDGLGLPTSTPDLAVVVLPEEFQNDEMWREEIAGLTRPNQILLSGAYQRLQGRVQPGEISLAVAF
KRSLRSDRLYQPLYEANVMQLLLEGKLGAPKVEFEVHTLAPEGTNAFVTYEAASLYGLAEGRSAVHRAIRELYVPPTAAD
LARRFFAFLNERMELVNG
;
A,B
#
loop_
_chem_comp.id
_chem_comp.type
_chem_comp.name
_chem_comp.formula
DA DNA linking 2'-DEOXYADENOSINE-5'-MONOPHOSPHATE 'C10 H14 N5 O6 P'
DC DNA linking 2'-DEOXYCYTIDINE-5'-MONOPHOSPHATE 'C9 H14 N3 O7 P'
DG DNA linking 2'-DEOXYGUANOSINE-5'-MONOPHOSPHATE 'C10 H14 N5 O7 P'
DT DNA linking THYMIDINE-5'-MONOPHOSPHATE 'C10 H15 N2 O8 P'
MN non-polymer 'MANGANESE (II) ION' 'Mn 2'
#
# COMPACT_ATOMS: atom_id res chain seq x y z
N PRO C 1 6.09 -17.56 -28.64
CA PRO C 1 7.43 -17.69 -28.09
C PRO C 1 7.84 -16.33 -27.56
N PHE C 2 9.04 -16.16 -27.04
CA PHE C 2 9.43 -14.85 -26.52
C PHE C 2 9.24 -13.73 -27.54
N THR C 3 9.70 -13.98 -28.76
CA THR C 3 9.55 -13.04 -29.84
C THR C 3 8.25 -13.37 -30.48
N TYR C 4 7.41 -12.37 -30.67
CA TYR C 4 6.08 -12.63 -31.21
C TYR C 4 6.19 -13.42 -32.52
N SER C 5 5.20 -14.25 -32.84
CA SER C 5 5.21 -15.00 -34.07
C SER C 5 3.83 -15.24 -34.59
N ILE C 6 3.45 -14.70 -35.76
CA ILE C 6 2.07 -14.89 -36.29
C ILE C 6 1.71 -16.35 -36.44
N GLU C 7 2.68 -17.21 -36.72
CA GLU C 7 2.36 -18.63 -36.90
C GLU C 7 2.09 -19.28 -35.55
N ALA C 8 3.09 -19.22 -34.66
CA ALA C 8 2.91 -19.62 -33.24
C ALA C 8 1.59 -19.16 -32.68
N THR C 9 1.15 -17.98 -33.11
CA THR C 9 -0.09 -17.40 -32.62
C THR C 9 -1.30 -17.99 -33.30
N ARG C 10 -1.23 -18.30 -34.59
CA ARG C 10 -2.40 -18.96 -35.22
C ARG C 10 -2.47 -20.45 -34.78
N ASN C 11 -1.33 -21.05 -34.50
CA ASN C 11 -1.33 -22.36 -33.86
C ASN C 11 -2.14 -22.44 -32.57
N LEU C 12 -2.22 -21.33 -31.80
CA LEU C 12 -2.93 -21.31 -30.51
C LEU C 12 -4.40 -21.50 -30.75
N ALA C 13 -5.06 -22.34 -29.96
CA ALA C 13 -6.52 -22.44 -29.93
C ALA C 13 -7.16 -21.17 -29.40
N THR C 14 -8.41 -20.97 -29.74
CA THR C 14 -9.09 -19.73 -29.32
C THR C 14 -9.03 -19.44 -27.80
N THR C 15 -9.05 -20.49 -26.99
CA THR C 15 -9.03 -20.32 -25.55
C THR C 15 -7.60 -20.17 -25.03
N GLU C 16 -6.60 -20.41 -25.88
CA GLU C 16 -5.18 -20.25 -25.52
C GLU C 16 -4.61 -18.88 -25.94
N ARG C 17 -5.41 -18.15 -26.71
CA ARG C 17 -5.03 -16.84 -27.14
C ARG C 17 -4.82 -15.89 -25.96
N CYS C 18 -3.80 -15.07 -26.09
CA CYS C 18 -3.46 -14.10 -25.07
C CYS C 18 -4.52 -13.02 -24.89
N ILE C 19 -5.33 -12.78 -25.89
CA ILE C 19 -6.41 -11.81 -25.76
C ILE C 19 -7.68 -12.61 -25.81
N GLN C 20 -8.59 -12.34 -24.89
CA GLN C 20 -9.85 -13.04 -24.85
C GLN C 20 -10.96 -12.02 -25.03
N ASP C 21 -11.61 -12.06 -26.19
CA ASP C 21 -12.65 -11.09 -26.53
C ASP C 21 -13.81 -11.40 -25.66
N ILE C 22 -14.25 -10.49 -24.81
CA ILE C 22 -15.41 -10.78 -24.00
C ILE C 22 -16.49 -9.70 -24.20
N ARG C 23 -16.50 -9.11 -25.40
CA ARG C 23 -17.44 -8.01 -25.72
C ARG C 23 -18.90 -8.42 -25.63
N ASN C 24 -19.14 -9.66 -26.09
CA ASN C 24 -20.48 -10.25 -26.26
C ASN C 24 -20.80 -11.24 -25.12
N ALA C 25 -19.86 -11.38 -24.16
CA ALA C 25 -20.04 -12.21 -22.97
C ALA C 25 -19.25 -11.58 -21.78
N PRO C 26 -19.73 -10.42 -21.28
CA PRO C 26 -19.03 -9.45 -20.40
C PRO C 26 -18.96 -9.77 -18.91
N VAL C 27 -17.90 -9.30 -18.23
CA VAL C 27 -17.86 -9.31 -16.75
C VAL C 27 -18.88 -8.28 -16.29
N ARG C 28 -19.97 -8.74 -15.68
CA ARG C 28 -21.02 -7.84 -15.23
C ARG C 28 -20.39 -6.78 -14.33
N ASN C 29 -20.94 -5.57 -14.39
CA ASN C 29 -20.44 -4.44 -13.63
C ASN C 29 -19.01 -4.02 -14.02
N ARG C 30 -18.52 -4.49 -15.17
CA ARG C 30 -17.26 -3.97 -15.73
C ARG C 30 -17.45 -3.72 -17.23
N SER C 31 -16.82 -2.64 -17.68
CA SER C 31 -16.72 -2.30 -19.09
C SER C 31 -15.67 -3.13 -19.83
N THR C 32 -15.03 -4.10 -19.16
CA THR C 32 -13.90 -4.81 -19.80
C THR C 32 -14.38 -5.45 -21.10
N GLN C 33 -13.69 -5.12 -22.20
CA GLN C 33 -14.01 -5.65 -23.52
C GLN C 33 -13.08 -6.77 -23.95
N PHE C 34 -11.83 -6.64 -23.56
CA PHE C 34 -10.81 -7.62 -23.91
C PHE C 34 -10.03 -7.94 -22.66
N GLN C 35 -9.69 -9.22 -22.51
CA GLN C 35 -9.03 -9.68 -21.32
C GLN C 35 -7.62 -10.05 -21.67
N LEU C 36 -6.66 -9.56 -20.90
CA LEU C 36 -5.29 -10.03 -20.99
C LEU C 36 -5.23 -11.38 -20.30
N ALA C 37 -5.14 -12.47 -21.08
CA ALA C 37 -5.09 -13.82 -20.54
C ALA C 37 -3.71 -14.11 -20.03
N GLN C 38 -3.41 -13.67 -18.82
CA GLN C 38 -2.03 -13.73 -18.35
C GLN C 38 -1.43 -15.13 -18.34
N GLN C 39 -2.19 -16.17 -17.96
CA GLN C 39 -1.63 -17.55 -17.97
C GLN C 39 -1.28 -17.98 -19.40
N ASN C 40 -2.18 -17.64 -20.33
CA ASN C 40 -1.98 -17.86 -21.76
C ASN C 40 -0.75 -17.11 -22.25
N MET C 41 -0.64 -15.86 -21.81
CA MET C 41 0.55 -15.00 -22.06
C MET C 41 1.83 -15.55 -21.50
N LEU C 42 1.80 -16.08 -20.31
CA LEU C 42 3.04 -16.64 -19.78
C LEU C 42 3.39 -17.88 -20.63
N ALA C 43 2.37 -18.63 -21.03
CA ALA C 43 2.51 -19.85 -21.79
C ALA C 43 3.21 -19.58 -23.12
N TYR C 44 2.70 -18.60 -23.89
CA TYR C 44 3.22 -18.21 -25.22
C TYR C 44 4.58 -17.56 -25.19
N THR C 45 4.74 -16.57 -24.33
CA THR C 45 5.97 -15.84 -24.21
C THR C 45 7.05 -16.62 -23.52
N PHE C 46 6.71 -17.40 -22.53
CA PHE C 46 7.73 -18.10 -21.80
C PHE C 46 7.54 -19.61 -21.78
N GLY C 47 6.69 -20.09 -22.69
CA GLY C 47 6.45 -21.53 -22.82
C GLY C 47 7.74 -22.28 -22.92
N GLU C 48 8.72 -21.69 -23.62
CA GLU C 48 10.02 -22.30 -23.91
C GLU C 48 11.19 -21.64 -23.21
N VAL C 49 10.94 -20.66 -22.35
CA VAL C 49 12.01 -19.83 -21.81
C VAL C 49 11.84 -19.51 -20.35
N ILE C 50 12.84 -19.83 -19.57
CA ILE C 50 12.92 -19.32 -18.26
C ILE C 50 14.14 -18.41 -18.33
N PRO C 51 13.91 -17.08 -18.27
CA PRO C 51 14.96 -16.11 -18.23
C PRO C 51 15.96 -16.43 -17.13
N GLY C 52 17.26 -16.29 -17.44
CA GLY C 52 18.31 -16.73 -16.53
C GLY C 52 18.75 -18.16 -16.87
N PHE C 53 17.90 -18.88 -17.60
CA PHE C 53 18.11 -20.29 -17.88
C PHE C 53 17.87 -20.52 -19.29
N ALA C 54 18.01 -19.47 -20.10
CA ALA C 54 17.70 -19.53 -21.54
C ALA C 54 18.93 -19.01 -22.33
N SER C 55 18.71 -18.53 -23.56
CA SER C 55 19.75 -17.89 -24.38
C SER C 55 20.44 -16.71 -23.68
N ALA C 56 21.70 -16.49 -24.03
CA ALA C 56 22.49 -15.38 -23.47
C ALA C 56 21.80 -14.04 -23.75
N GLY C 57 21.15 -13.96 -24.92
CA GLY C 57 20.35 -12.80 -25.30
C GLY C 57 19.26 -12.47 -24.27
N ILE C 58 18.62 -13.48 -23.69
CA ILE C 58 17.50 -13.26 -22.77
C ILE C 58 18.00 -13.16 -21.38
N ASN C 59 18.92 -14.01 -20.99
CA ASN C 59 19.37 -13.92 -19.62
C ASN C 59 20.04 -12.56 -19.34
N GLY C 60 20.70 -11.98 -20.35
CA GLY C 60 21.46 -10.73 -20.18
C GLY C 60 20.68 -9.48 -20.53
N MET C 61 19.52 -9.65 -21.16
CA MET C 61 18.58 -8.59 -21.52
C MET C 61 18.09 -7.87 -20.30
N ASP C 62 17.77 -6.57 -20.47
CA ASP C 62 17.22 -5.77 -19.35
C ASP C 62 15.97 -6.50 -18.88
N TYR C 63 15.93 -6.77 -17.58
CA TYR C 63 14.83 -7.57 -17.04
C TYR C 63 13.48 -6.85 -17.29
N ARG C 64 13.47 -5.53 -17.33
CA ARG C 64 12.23 -4.76 -17.57
C ARG C 64 11.65 -5.14 -18.87
N ASP C 65 12.53 -5.40 -19.81
CA ASP C 65 12.10 -5.73 -21.14
C ASP C 65 11.62 -7.19 -21.22
N VAL C 66 12.14 -8.02 -20.32
CA VAL C 66 11.77 -9.42 -20.24
C VAL C 66 10.33 -9.45 -19.67
N ILE C 67 10.18 -8.81 -18.51
CA ILE C 67 8.89 -8.79 -17.78
C ILE C 67 7.79 -8.16 -18.65
N GLY C 68 8.17 -7.19 -19.50
CA GLY C 68 7.22 -6.46 -20.36
C GLY C 68 6.83 -7.14 -21.66
N ARG C 69 7.56 -8.19 -22.03
CA ARG C 69 7.35 -8.87 -23.32
C ARG C 69 5.96 -9.47 -23.46
N PRO C 70 5.48 -10.14 -22.38
CA PRO C 70 4.16 -10.74 -22.43
C PRO C 70 3.06 -9.80 -22.80
N VAL C 71 3.00 -8.65 -22.16
CA VAL C 71 2.04 -7.62 -22.51
C VAL C 71 2.26 -7.05 -23.94
N GLU C 72 3.50 -6.87 -24.37
CA GLU C 72 3.73 -6.38 -25.74
C GLU C 72 3.23 -7.41 -26.80
N ASN C 73 3.52 -8.69 -26.57
CA ASN C 73 3.04 -9.79 -27.42
C ASN C 73 1.53 -9.85 -27.44
N ALA C 74 0.90 -9.78 -26.25
CA ALA C 74 -0.58 -9.72 -26.15
C ALA C 74 -1.18 -8.55 -26.91
N VAL C 75 -0.53 -7.39 -26.79
CA VAL C 75 -0.96 -6.16 -27.48
C VAL C 75 -0.83 -6.36 -28.97
N THR C 76 0.21 -7.03 -29.43
CA THR C 76 0.34 -7.28 -30.86
C THR C 76 -0.79 -8.18 -31.34
N GLU C 77 -1.00 -9.29 -30.62
CA GLU C 77 -2.08 -10.24 -30.93
C GLU C 77 -3.36 -9.50 -31.05
N GLY C 78 -3.63 -8.65 -30.08
CA GLY C 78 -4.92 -7.97 -30.03
C GLY C 78 -5.06 -7.07 -31.20
N THR C 79 -3.95 -6.47 -31.64
CA THR C 79 -4.00 -5.54 -32.75
C THR C 79 -4.19 -6.30 -34.07
N HIS C 80 -3.45 -7.38 -34.28
CA HIS C 80 -3.73 -8.25 -35.42
C HIS C 80 -5.20 -8.58 -35.56
N PHE C 81 -5.78 -9.15 -34.52
CA PHE C 81 -7.13 -9.68 -34.57
C PHE C 81 -8.20 -8.62 -34.52
N PHE C 82 -7.98 -7.55 -33.78
CA PHE C 82 -9.07 -6.60 -33.60
C PHE C 82 -8.78 -5.20 -34.10
N ARG C 83 -7.55 -4.97 -34.59
CA ARG C 83 -7.20 -3.72 -35.22
C ARG C 83 -7.53 -2.59 -34.26
N ASP C 84 -8.21 -1.53 -34.73
CA ASP C 84 -8.47 -0.38 -33.88
C ASP C 84 -9.63 -0.62 -32.92
N ASP C 85 -10.20 -1.81 -32.92
CA ASP C 85 -11.18 -2.17 -31.90
C ASP C 85 -10.53 -2.59 -30.60
N PHE C 86 -9.25 -2.95 -30.66
CA PHE C 86 -8.50 -3.40 -29.48
C PHE C 86 -8.31 -2.22 -28.48
N ARG C 87 -8.92 -2.37 -27.31
CA ARG C 87 -8.84 -1.40 -26.19
C ARG C 87 -8.60 -2.23 -24.95
N VAL C 88 -7.44 -2.13 -24.29
CA VAL C 88 -7.37 -2.61 -22.88
C VAL C 88 -7.04 -1.44 -21.97
N ASP C 89 -7.59 -1.43 -20.74
CA ASP C 89 -7.29 -0.34 -19.82
C ASP C 89 -5.83 -0.54 -19.37
N SER C 90 -5.15 0.56 -19.13
CA SER C 90 -3.85 0.51 -18.47
C SER C 90 -3.83 -0.26 -17.15
N ASN C 91 -4.93 -0.27 -16.39
CA ASN C 91 -4.99 -1.10 -15.11
C ASN C 91 -4.93 -2.62 -15.33
N ALA C 92 -5.37 -3.01 -16.54
CA ALA C 92 -5.26 -4.37 -17.02
C ALA C 92 -3.78 -4.71 -17.22
N LYS C 93 -3.10 -3.83 -17.93
CA LYS C 93 -1.69 -3.99 -18.18
C LYS C 93 -0.91 -3.89 -16.89
N ALA C 94 -1.34 -3.03 -15.97
CA ALA C 94 -0.72 -2.95 -14.62
C ALA C 94 -0.81 -4.29 -13.85
N LYS C 95 -1.99 -4.88 -13.85
CA LYS C 95 -2.26 -6.10 -13.05
C LYS C 95 -1.49 -7.26 -13.59
N VAL C 96 -1.50 -7.43 -14.90
CA VAL C 96 -0.84 -8.51 -15.55
C VAL C 96 0.66 -8.41 -15.41
N ALA C 97 1.18 -7.21 -15.64
CA ALA C 97 2.61 -6.96 -15.55
C ALA C 97 3.13 -7.31 -14.15
N GLY C 98 2.36 -6.93 -13.11
CA GLY C 98 2.74 -7.20 -11.75
C GLY C 98 2.79 -8.69 -11.51
N ASP C 99 1.80 -9.38 -12.05
CA ASP C 99 1.69 -10.83 -11.86
C ASP C 99 2.77 -11.52 -12.64
N ILE C 100 3.08 -11.06 -13.85
CA ILE C 100 4.17 -11.66 -14.60
C ILE C 100 5.49 -11.46 -13.83
N PHE C 101 5.72 -10.27 -13.30
CA PHE C 101 6.99 -10.00 -12.65
C PHE C 101 7.24 -11.01 -11.53
N GLU C 102 6.21 -11.27 -10.74
CA GLU C 102 6.22 -12.22 -9.62
C GLU C 102 6.44 -13.71 -10.02
N ILE C 103 5.67 -14.12 -11.03
CA ILE C 103 5.64 -15.49 -11.52
C ILE C 103 6.96 -15.84 -12.19
N VAL C 104 7.42 -15.00 -13.12
CA VAL C 104 8.65 -15.23 -13.83
C VAL C 104 9.80 -15.18 -12.83
N SER C 105 9.85 -14.16 -11.98
CA SER C 105 10.90 -14.08 -10.96
C SER C 105 10.90 -15.34 -10.07
N SER C 106 9.73 -15.78 -9.64
CA SER C 106 9.58 -17.06 -8.93
C SER C 106 10.08 -18.23 -9.71
N ALA C 107 9.82 -18.26 -11.02
CA ALA C 107 10.22 -19.36 -11.89
C ALA C 107 11.75 -19.42 -11.99
N VAL C 108 12.39 -18.26 -12.07
CA VAL C 108 13.82 -18.13 -12.11
C VAL C 108 14.38 -18.60 -10.77
N MET C 109 13.73 -18.25 -9.68
CA MET C 109 14.20 -18.71 -8.38
C MET C 109 13.89 -20.20 -8.21
N TRP C 110 12.90 -20.72 -8.92
CA TRP C 110 12.61 -22.13 -8.88
C TRP C 110 13.75 -22.98 -9.50
N ASN C 111 14.03 -22.74 -10.80
CA ASN C 111 15.22 -23.27 -11.47
C ASN C 111 16.53 -23.09 -10.63
N CYS C 112 16.69 -21.96 -9.98
CA CYS C 112 17.86 -21.80 -9.13
C CYS C 112 17.76 -22.81 -8.01
N ALA C 113 16.54 -23.00 -7.48
CA ALA C 113 16.40 -23.96 -6.39
C ALA C 113 16.70 -25.37 -6.97
N ALA C 114 16.28 -25.67 -8.18
CA ALA C 114 16.54 -26.97 -8.74
C ALA C 114 18.08 -27.23 -8.77
N ARG C 115 18.78 -26.38 -9.52
CA ARG C 115 20.21 -26.48 -9.68
C ARG C 115 20.91 -26.54 -8.35
N TRP C 116 20.54 -25.70 -7.40
CA TRP C 116 21.17 -25.80 -6.07
C TRP C 116 20.89 -27.15 -5.38
N ASN C 117 19.65 -27.62 -5.47
CA ASN C 117 19.29 -28.87 -4.82
C ASN C 117 20.08 -30.05 -5.40
N SER C 118 20.05 -30.14 -6.73
CA SER C 118 20.80 -31.10 -7.52
C SER C 118 22.24 -31.14 -7.04
N LEU C 119 22.84 -29.99 -6.83
CA LEU C 119 24.17 -29.93 -6.25
C LEU C 119 24.23 -30.41 -4.80
N MET C 120 23.20 -30.11 -4.03
CA MET C 120 23.26 -30.38 -2.58
C MET C 120 23.18 -31.92 -2.32
N VAL C 121 22.70 -32.61 -3.34
CA VAL C 121 22.25 -33.95 -3.22
C VAL C 121 23.38 -34.77 -3.92
N GLY C 122 24.54 -34.12 -4.06
CA GLY C 122 25.71 -34.75 -4.58
C GLY C 122 25.69 -35.11 -6.06
N GLU C 123 24.75 -34.55 -6.85
CA GLU C 123 24.88 -34.63 -8.33
C GLU C 123 25.81 -33.45 -8.75
N GLY C 124 25.88 -33.18 -10.06
CA GLY C 124 26.77 -32.11 -10.56
C GLY C 124 26.20 -30.71 -10.32
N TRP C 125 27.04 -29.69 -10.62
CA TRP C 125 26.59 -28.31 -10.85
C TRP C 125 26.31 -28.21 -12.32
N ARG C 126 25.06 -28.11 -12.75
CA ARG C 126 24.80 -28.01 -14.17
C ARG C 126 25.51 -26.79 -14.70
N SER C 127 25.54 -26.64 -16.01
CA SER C 127 26.26 -25.48 -16.52
C SER C 127 25.82 -24.89 -17.88
N GLN C 128 24.70 -25.33 -18.45
CA GLN C 128 24.05 -24.55 -19.53
C GLN C 128 22.78 -23.86 -18.99
N PRO C 129 22.85 -22.55 -18.67
CA PRO C 129 23.97 -21.60 -18.68
C PRO C 129 24.90 -21.64 -17.45
N ARG C 130 26.04 -20.98 -17.56
CA ARG C 130 27.10 -21.04 -16.56
C ARG C 130 26.98 -19.99 -15.46
N TYR C 131 27.03 -20.44 -14.20
CA TYR C 131 26.96 -19.59 -13.02
C TYR C 131 28.01 -20.03 -12.00
N SER C 132 28.75 -19.10 -11.42
CA SER C 132 29.90 -19.49 -10.64
C SER C 132 29.43 -20.52 -9.58
N ARG C 133 29.96 -21.75 -9.71
CA ARG C 133 29.72 -22.87 -8.78
C ARG C 133 29.66 -22.41 -7.33
N PRO C 134 28.62 -22.78 -6.57
CA PRO C 134 28.59 -22.35 -5.17
C PRO C 134 29.66 -23.05 -4.36
N THR C 135 30.19 -22.36 -3.35
CA THR C 135 31.29 -22.88 -2.54
C THR C 135 30.84 -23.71 -1.33
N LEU C 136 29.69 -23.44 -0.73
CA LEU C 136 29.18 -24.27 0.43
C LEU C 136 29.24 -25.77 0.08
N SER C 137 29.67 -26.56 1.08
CA SER C 137 29.76 -28.02 0.94
C SER C 137 28.35 -28.64 0.86
N PRO C 138 28.11 -29.48 -0.16
CA PRO C 138 26.78 -30.04 -0.35
C PRO C 138 26.30 -30.88 0.83
N SER C 139 24.98 -31.01 0.94
CA SER C 139 24.32 -31.91 1.88
C SER C 139 22.87 -31.86 1.52
N PRO C 140 22.22 -33.03 1.45
CA PRO C 140 20.83 -32.99 1.04
C PRO C 140 19.88 -32.27 2.04
N ARG C 141 20.38 -32.03 3.27
CA ARG C 141 19.63 -31.38 4.37
C ARG C 141 19.50 -29.85 4.27
N ARG C 142 20.11 -29.29 3.22
CA ARG C 142 20.09 -27.86 2.96
C ARG C 142 19.70 -27.62 1.49
N GLN C 143 18.87 -28.52 0.95
CA GLN C 143 18.07 -28.16 -0.21
C GLN C 143 17.00 -27.15 0.26
N VAL C 144 16.50 -26.37 -0.68
CA VAL C 144 15.49 -25.35 -0.38
C VAL C 144 14.32 -25.60 -1.26
N ALA C 145 13.17 -25.12 -0.84
CA ALA C 145 12.00 -25.04 -1.71
C ALA C 145 11.58 -23.59 -1.97
N VAL C 146 11.28 -23.31 -3.25
CA VAL C 146 10.77 -21.98 -3.69
C VAL C 146 9.25 -21.95 -3.87
N LEU C 147 8.60 -21.25 -2.95
CA LEU C 147 7.14 -21.28 -2.86
C LEU C 147 6.58 -19.90 -3.19
N ASN C 148 6.12 -19.76 -4.42
CA ASN C 148 5.29 -18.63 -4.76
C ASN C 148 3.95 -18.82 -4.05
N LEU C 149 3.67 -17.90 -3.13
CA LEU C 149 2.48 -18.03 -2.30
C LEU C 149 1.24 -17.44 -2.97
N PRO C 150 0.10 -18.15 -2.86
CA PRO C 150 -1.09 -17.68 -3.56
C PRO C 150 -1.80 -16.51 -2.89
N ARG C 151 -2.63 -15.86 -3.70
CA ARG C 151 -3.54 -14.87 -3.18
C ARG C 151 -4.39 -15.54 -2.07
N SER C 152 -4.58 -14.76 -1.00
CA SER C 152 -5.24 -15.19 0.18
C SER C 152 -4.41 -15.97 1.17
N PHE C 153 -3.13 -16.21 0.91
CA PHE C 153 -2.38 -17.18 1.72
C PHE C 153 -2.09 -16.61 3.07
N ASP C 154 -1.93 -17.51 4.04
CA ASP C 154 -1.50 -17.15 5.40
C ASP C 154 -0.22 -17.95 5.65
N TRP C 155 0.90 -17.26 5.71
CA TRP C 155 2.20 -17.91 5.75
C TRP C 155 2.31 -18.82 6.98
N VAL C 156 1.56 -18.52 8.03
CA VAL C 156 1.53 -19.33 9.23
C VAL C 156 1.16 -20.81 8.95
N SER C 157 0.50 -21.08 7.83
CA SER C 157 0.07 -22.42 7.50
C SER C 157 1.23 -23.22 6.93
N LEU C 158 2.38 -22.57 6.75
CA LEU C 158 3.59 -23.28 6.36
C LEU C 158 4.16 -24.02 7.58
N LEU C 159 4.00 -23.46 8.78
CA LEU C 159 4.64 -23.95 10.00
C LEU C 159 4.10 -25.31 10.52
N VAL C 160 5.00 -26.11 11.04
CA VAL C 160 4.60 -27.32 11.81
C VAL C 160 3.57 -26.94 12.87
N PRO C 161 2.64 -27.86 13.15
CA PRO C 161 1.57 -27.63 14.11
C PRO C 161 2.01 -27.06 15.42
N GLU C 162 3.13 -27.57 15.93
CA GLU C 162 3.66 -27.15 17.24
C GLU C 162 3.93 -25.62 17.23
N SER C 163 4.53 -25.15 16.12
CA SER C 163 4.78 -23.72 15.94
C SER C 163 3.46 -22.92 15.80
N GLN C 164 2.53 -23.42 14.99
CA GLN C 164 1.19 -22.84 14.85
C GLN C 164 0.42 -22.72 16.16
N GLU C 165 0.57 -23.71 17.03
CA GLU C 165 -0.07 -23.67 18.36
C GLU C 165 0.55 -22.58 19.20
N VAL C 166 1.85 -22.33 19.04
CA VAL C 166 2.48 -21.24 19.80
C VAL C 166 1.85 -19.87 19.47
N ILE C 167 1.67 -19.63 18.16
CA ILE C 167 1.16 -18.36 17.62
C ILE C 167 -0.31 -18.22 17.98
N GLU C 168 -1.04 -19.30 17.75
CA GLU C 168 -2.47 -19.38 18.12
C GLU C 168 -2.72 -19.09 19.61
N GLU C 169 -1.89 -19.66 20.48
CA GLU C 169 -1.97 -19.40 21.91
C GLU C 169 -1.79 -17.94 22.13
N PHE C 170 -0.70 -17.40 21.58
CA PHE C 170 -0.38 -15.99 21.70
C PHE C 170 -1.52 -15.09 21.19
N ARG C 171 -2.02 -15.34 20.00
CA ARG C 171 -3.15 -14.55 19.48
C ARG C 171 -4.47 -14.69 20.24
N ALA C 172 -4.82 -15.91 20.67
CA ALA C 172 -6.02 -16.09 21.50
C ALA C 172 -5.91 -15.18 22.72
N GLY C 173 -4.69 -15.01 23.23
CA GLY C 173 -4.40 -14.08 24.34
C GLY C 173 -4.82 -12.65 24.06
N LEU C 174 -4.53 -12.20 22.84
CA LEU C 174 -4.93 -10.87 22.34
C LEU C 174 -6.42 -10.78 22.01
N ARG C 175 -6.99 -11.88 21.52
CA ARG C 175 -8.34 -11.83 21.03
C ARG C 175 -9.39 -11.65 22.11
N LYS C 176 -9.04 -12.02 23.34
CA LYS C 176 -9.91 -11.83 24.47
C LYS C 176 -10.14 -10.36 24.78
N ASP C 177 -9.10 -9.56 24.62
CA ASP C 177 -9.15 -8.10 24.82
C ASP C 177 -9.54 -7.33 23.51
N GLY C 178 -10.17 -8.02 22.54
CA GLY C 178 -10.56 -7.45 21.21
C GLY C 178 -9.45 -7.02 20.24
N LEU C 179 -8.27 -7.64 20.34
CA LEU C 179 -7.10 -7.27 19.57
C LEU C 179 -6.79 -8.44 18.72
N GLY C 180 -5.79 -8.34 17.86
CA GLY C 180 -5.39 -9.47 17.02
C GLY C 180 -3.97 -9.29 16.54
N LEU C 181 -3.49 -10.24 15.77
CA LEU C 181 -2.26 -10.04 15.00
C LEU C 181 -2.38 -10.89 13.71
N PRO C 182 -3.23 -10.42 12.78
CA PRO C 182 -3.44 -11.17 11.57
C PRO C 182 -2.17 -11.25 10.77
N THR C 183 -2.01 -12.37 10.10
CA THR C 183 -0.89 -12.56 9.23
C THR C 183 -1.46 -12.69 7.83
N SER C 184 -0.77 -12.08 6.89
CA SER C 184 -1.04 -12.46 5.55
C SER C 184 0.14 -13.21 4.98
N THR C 185 0.85 -12.62 4.05
CA THR C 185 1.83 -13.34 3.26
C THR C 185 2.79 -12.40 2.49
N PRO C 186 4.09 -12.78 2.41
CA PRO C 186 4.93 -12.31 1.35
C PRO C 186 4.48 -13.00 0.05
N ASP C 187 4.98 -12.54 -1.09
CA ASP C 187 4.57 -13.11 -2.36
C ASP C 187 5.18 -14.47 -2.55
N LEU C 188 6.34 -14.68 -1.94
CA LEU C 188 7.16 -15.84 -2.16
C LEU C 188 7.95 -16.19 -0.90
N ALA C 189 8.07 -17.49 -0.65
CA ALA C 189 8.89 -17.95 0.46
C ALA C 189 9.86 -19.04 -0.07
N VAL C 190 11.13 -18.87 0.16
CA VAL C 190 12.09 -19.95 0.02
C VAL C 190 12.19 -20.62 1.40
N VAL C 191 11.92 -21.93 1.45
CA VAL C 191 12.02 -22.72 2.72
C VAL C 191 12.96 -23.93 2.58
N VAL C 192 13.58 -24.32 3.69
CA VAL C 192 14.41 -25.51 3.73
C VAL C 192 13.51 -26.71 3.49
N LEU C 193 13.83 -27.48 2.47
CA LEU C 193 13.05 -28.64 2.14
C LEU C 193 12.95 -29.58 3.38
N PRO C 194 11.73 -29.97 3.77
CA PRO C 194 11.50 -31.02 4.76
C PRO C 194 12.24 -32.32 4.45
N GLU C 195 12.82 -32.92 5.49
CA GLU C 195 13.56 -34.19 5.34
C GLU C 195 12.78 -35.17 4.49
N GLU C 196 11.56 -35.44 4.92
CA GLU C 196 10.71 -36.34 4.22
C GLU C 196 10.70 -36.16 2.68
N PHE C 197 11.11 -35.01 2.16
CA PHE C 197 11.13 -34.79 0.69
C PHE C 197 12.54 -34.65 0.10
N GLN C 198 13.55 -34.53 0.95
CA GLN C 198 14.95 -34.40 0.53
C GLN C 198 15.39 -35.43 -0.52
N ASN C 199 14.58 -36.46 -0.76
CA ASN C 199 14.86 -37.52 -1.73
C ASN C 199 13.97 -37.45 -2.95
N ASP C 200 13.06 -36.47 -2.93
CA ASP C 200 12.09 -36.26 -3.99
C ASP C 200 12.74 -35.53 -5.10
N GLU C 201 12.26 -35.77 -6.29
CA GLU C 201 13.01 -35.43 -7.46
C GLU C 201 12.50 -34.14 -8.11
N MET C 202 11.22 -33.85 -7.92
CA MET C 202 10.62 -32.66 -8.52
C MET C 202 11.33 -31.36 -8.13
N TRP C 203 11.95 -31.36 -6.95
CA TRP C 203 12.57 -30.17 -6.41
C TRP C 203 13.93 -29.84 -6.99
N ARG C 204 14.43 -30.76 -7.83
CA ARG C 204 15.75 -30.70 -8.43
C ARG C 204 15.65 -30.55 -9.95
N GLU C 205 14.45 -30.70 -10.52
CA GLU C 205 14.19 -30.53 -11.95
C GLU C 205 13.89 -29.07 -12.31
N GLU C 206 14.82 -28.47 -13.04
CA GLU C 206 14.64 -27.15 -13.63
C GLU C 206 13.56 -27.28 -14.67
N ILE C 207 12.60 -26.36 -14.69
CA ILE C 207 11.57 -26.40 -15.72
C ILE C 207 12.11 -25.70 -16.96
N ALA C 208 11.54 -26.02 -18.11
CA ALA C 208 11.97 -25.51 -19.42
C ALA C 208 11.20 -24.27 -19.86
N GLY C 209 10.06 -24.02 -19.21
CA GLY C 209 9.17 -22.90 -19.58
C GLY C 209 8.03 -22.76 -18.58
N LEU C 210 7.20 -21.75 -18.78
CA LEU C 210 6.00 -21.50 -17.96
C LEU C 210 4.82 -21.89 -18.82
N THR C 211 4.89 -23.15 -19.25
CA THR C 211 3.76 -23.86 -19.83
C THR C 211 2.72 -23.98 -18.74
N ARG C 212 1.45 -24.09 -19.10
CA ARG C 212 0.39 -24.23 -18.08
C ARG C 212 0.72 -25.27 -16.99
N PRO C 213 1.30 -26.44 -17.37
CA PRO C 213 1.58 -27.42 -16.35
C PRO C 213 2.58 -26.95 -15.37
N ASN C 214 3.60 -26.25 -15.83
CA ASN C 214 4.63 -25.81 -14.93
C ASN C 214 4.23 -24.62 -14.06
N GLN C 215 3.37 -23.75 -14.59
CA GLN C 215 2.70 -22.68 -13.82
C GLN C 215 2.00 -23.28 -12.61
N ILE C 216 1.23 -24.33 -12.89
CA ILE C 216 0.51 -25.14 -11.87
C ILE C 216 1.48 -25.83 -10.93
N LEU C 217 2.50 -26.46 -11.50
CA LEU C 217 3.46 -27.09 -10.70
C LEU C 217 3.95 -26.05 -9.71
N LEU C 218 4.23 -24.83 -10.20
CA LEU C 218 4.93 -23.85 -9.35
C LEU C 218 4.05 -23.20 -8.30
N SER C 219 2.85 -22.80 -8.73
CA SER C 219 1.88 -22.11 -7.89
C SER C 219 1.13 -23.02 -6.93
N GLY C 220 1.18 -24.35 -7.16
CA GLY C 220 0.67 -25.35 -6.25
C GLY C 220 1.70 -25.81 -5.21
N ALA C 221 2.97 -25.47 -5.45
CA ALA C 221 4.06 -26.06 -4.67
C ALA C 221 3.87 -25.91 -3.16
N TYR C 222 3.35 -24.75 -2.72
CA TYR C 222 3.21 -24.42 -1.29
C TYR C 222 2.37 -25.45 -0.57
N GLN C 223 1.46 -26.07 -1.31
CA GLN C 223 0.53 -27.06 -0.75
C GLN C 223 1.35 -28.20 -0.19
N ARG C 224 2.38 -28.60 -0.91
CA ARG C 224 3.13 -29.77 -0.55
C ARG C 224 3.81 -29.54 0.79
N LEU C 225 4.01 -28.29 1.15
CA LEU C 225 4.85 -27.93 2.30
C LEU C 225 4.11 -27.43 3.50
N GLN C 226 2.81 -27.18 3.35
CA GLN C 226 2.03 -26.68 4.47
C GLN C 226 2.07 -27.62 5.68
N GLY C 227 2.35 -27.06 6.83
CA GLY C 227 2.40 -27.85 8.04
C GLY C 227 3.75 -28.52 8.25
N ARG C 228 4.73 -28.29 7.37
CA ARG C 228 5.98 -29.02 7.44
C ARG C 228 7.24 -28.23 7.72
N VAL C 229 7.15 -26.94 7.92
CA VAL C 229 8.35 -26.09 7.93
C VAL C 229 8.59 -25.63 9.37
N GLN C 230 9.83 -25.71 9.84
CA GLN C 230 10.13 -25.16 11.15
C GLN C 230 10.31 -23.65 11.00
N PRO C 231 10.12 -22.90 12.10
CA PRO C 231 10.20 -21.48 12.17
C PRO C 231 11.48 -20.95 11.60
N GLY C 232 12.59 -21.51 12.03
CA GLY C 232 13.88 -21.06 11.53
C GLY C 232 14.20 -21.60 10.14
N GLU C 233 13.30 -22.39 9.52
CA GLU C 233 13.56 -22.92 8.13
C GLU C 233 12.84 -22.17 7.01
N ILE C 234 12.12 -21.11 7.37
CA ILE C 234 11.65 -20.12 6.40
C ILE C 234 12.89 -19.25 6.14
N SER C 235 13.56 -19.48 5.03
CA SER C 235 14.90 -18.87 4.84
C SER C 235 14.83 -17.44 4.30
N LEU C 236 14.16 -17.24 3.17
CA LEU C 236 13.91 -15.93 2.62
C LEU C 236 12.43 -15.70 2.39
N ALA C 237 11.95 -14.49 2.66
CA ALA C 237 10.66 -14.01 2.12
C ALA C 237 10.96 -12.91 1.08
N VAL C 238 10.25 -12.95 -0.05
CA VAL C 238 10.31 -11.89 -1.05
C VAL C 238 8.95 -11.21 -1.31
N ALA C 239 8.95 -9.89 -1.49
CA ALA C 239 7.81 -9.15 -2.08
C ALA C 239 8.28 -8.65 -3.41
N PHE C 240 7.55 -8.99 -4.45
CA PHE C 240 7.70 -8.33 -5.76
C PHE C 240 6.76 -7.13 -5.88
N LYS C 241 7.30 -6.03 -6.42
CA LYS C 241 6.58 -4.84 -6.82
C LYS C 241 7.22 -4.32 -8.09
N ARG C 242 6.62 -4.47 -9.26
CA ARG C 242 7.31 -4.10 -10.48
C ARG C 242 7.81 -2.63 -10.44
N SER C 243 7.01 -1.74 -9.90
CA SER C 243 7.45 -0.38 -9.68
C SER C 243 7.07 -0.03 -8.32
N LEU C 244 7.66 1.01 -7.78
CA LEU C 244 7.24 1.52 -6.47
C LEU C 244 6.55 2.84 -6.58
N ARG C 245 5.58 3.08 -5.69
CA ARG C 245 5.22 4.42 -5.25
C ARG C 245 5.37 4.48 -3.71
N SER C 246 5.47 5.68 -3.15
CA SER C 246 5.62 5.84 -1.70
C SER C 246 4.52 5.18 -0.88
N ASP C 247 3.30 5.10 -1.43
CA ASP C 247 2.19 4.47 -0.71
C ASP C 247 2.20 2.96 -0.80
N ARG C 248 2.89 2.40 -1.79
CA ARG C 248 2.85 1.00 -2.09
C ARG C 248 4.08 0.26 -1.49
N LEU C 249 4.68 0.86 -0.47
CA LEU C 249 5.84 0.33 0.15
C LEU C 249 5.58 -0.57 1.37
N TYR C 250 4.38 -0.46 1.95
CA TYR C 250 4.16 -0.78 3.34
C TYR C 250 3.72 -2.18 3.68
N GLN C 251 3.10 -2.88 2.75
CA GLN C 251 2.64 -4.20 3.03
C GLN C 251 3.83 -5.13 3.40
N PRO C 252 4.97 -5.06 2.66
CA PRO C 252 6.08 -5.94 2.99
C PRO C 252 6.75 -5.56 4.29
N LEU C 253 6.87 -4.27 4.50
CA LEU C 253 7.48 -3.80 5.73
C LEU C 253 6.61 -4.23 6.89
N TYR C 254 5.28 -4.14 6.75
CA TYR C 254 4.43 -4.47 7.86
C TYR C 254 4.49 -5.96 8.06
N GLU C 255 4.32 -6.73 6.99
CA GLU C 255 4.33 -8.17 7.16
C GLU C 255 5.68 -8.67 7.66
N ALA C 256 6.79 -8.08 7.21
CA ALA C 256 8.10 -8.51 7.69
C ALA C 256 8.18 -8.30 9.20
N ASN C 257 7.63 -7.18 9.66
CA ASN C 257 7.65 -6.89 11.06
C ASN C 257 6.89 -7.93 11.89
N VAL C 258 5.83 -8.49 11.32
CA VAL C 258 4.98 -9.40 12.05
C VAL C 258 5.67 -10.77 12.04
N MET C 259 6.19 -11.17 10.86
CA MET C 259 7.01 -12.35 10.73
C MET C 259 8.13 -12.38 11.78
N GLN C 260 8.76 -11.24 12.01
CA GLN C 260 9.81 -11.14 13.00
C GLN C 260 9.26 -11.25 14.42
N LEU C 261 8.21 -10.50 14.74
CA LEU C 261 7.61 -10.58 16.06
C LEU C 261 7.37 -12.08 16.38
N LEU C 262 6.81 -12.80 15.43
CA LEU C 262 6.35 -14.14 15.66
C LEU C 262 7.43 -15.22 15.54
N LEU C 263 8.23 -15.17 14.46
CA LEU C 263 9.26 -16.19 14.24
C LEU C 263 10.45 -15.94 15.14
N GLU C 264 10.86 -14.70 15.30
CA GLU C 264 11.97 -14.38 16.14
C GLU C 264 11.49 -14.34 17.61
N GLY C 265 10.66 -13.37 17.94
CA GLY C 265 10.29 -13.11 19.30
C GLY C 265 9.41 -14.13 20.01
N LYS C 266 8.58 -14.88 19.28
CA LYS C 266 7.75 -15.88 19.96
C LYS C 266 8.24 -17.29 19.70
N LEU C 267 8.95 -17.55 18.62
CA LEU C 267 9.35 -18.90 18.25
C LEU C 267 10.87 -19.09 18.26
N GLY C 268 11.62 -18.09 18.75
CA GLY C 268 13.08 -18.12 18.84
C GLY C 268 13.93 -18.44 17.60
N ALA C 269 13.40 -18.21 16.40
CA ALA C 269 14.17 -18.40 15.16
C ALA C 269 15.20 -17.27 14.99
N PRO C 270 16.15 -17.44 14.06
CA PRO C 270 17.12 -16.37 13.73
C PRO C 270 16.51 -15.24 12.88
N LYS C 271 17.34 -14.29 12.42
CA LYS C 271 16.88 -13.12 11.61
C LYS C 271 15.98 -13.62 10.49
N VAL C 272 14.76 -13.11 10.43
CA VAL C 272 13.90 -13.45 9.25
C VAL C 272 14.32 -12.53 8.10
N GLU C 273 14.74 -13.13 7.00
CA GLU C 273 15.21 -12.40 5.87
C GLU C 273 13.98 -12.09 5.01
N PHE C 274 13.70 -10.84 4.76
CA PHE C 274 12.57 -10.49 3.90
C PHE C 274 13.09 -9.40 2.98
N GLU C 275 12.96 -9.61 1.69
CA GLU C 275 13.41 -8.56 0.80
C GLU C 275 12.38 -8.18 -0.27
N VAL C 276 12.58 -7.01 -0.86
CA VAL C 276 11.67 -6.44 -1.80
C VAL C 276 12.43 -6.33 -3.09
N HIS C 277 11.84 -6.82 -4.16
CA HIS C 277 12.38 -6.72 -5.52
C HIS C 277 11.54 -5.72 -6.29
N THR C 278 12.18 -4.76 -6.95
CA THR C 278 11.46 -3.88 -7.87
C THR C 278 12.24 -3.68 -9.15
N LEU C 279 11.56 -3.35 -10.23
CA LEU C 279 12.26 -2.92 -11.44
C LEU C 279 12.27 -1.39 -11.54
N ALA C 280 11.58 -0.66 -10.66
CA ALA C 280 11.43 0.78 -10.86
C ALA C 280 11.13 1.43 -9.56
N PRO C 281 12.17 1.73 -8.80
CA PRO C 281 12.06 2.40 -7.51
C PRO C 281 11.85 3.95 -7.49
N GLU C 282 12.03 4.68 -8.59
CA GLU C 282 11.44 6.06 -8.70
C GLU C 282 11.93 7.05 -7.65
N GLY C 283 13.23 7.29 -7.73
CA GLY C 283 13.97 8.03 -6.71
C GLY C 283 14.65 7.03 -5.76
N THR C 284 15.02 7.56 -4.58
CA THR C 284 15.74 6.78 -3.55
C THR C 284 14.94 6.65 -2.21
N ASN C 285 13.67 7.08 -2.21
CA ASN C 285 12.98 7.14 -0.95
C ASN C 285 12.58 5.79 -0.42
N ALA C 286 12.40 4.83 -1.33
CA ALA C 286 12.11 3.48 -0.92
C ALA C 286 13.29 2.86 -0.17
N PHE C 287 14.50 3.16 -0.63
CA PHE C 287 15.65 2.54 -0.02
C PHE C 287 15.80 3.05 1.38
N VAL C 288 15.42 4.28 1.62
CA VAL C 288 15.45 4.83 2.97
C VAL C 288 14.32 4.26 3.85
N THR C 289 13.13 4.20 3.29
CA THR C 289 12.01 3.54 3.97
C THR C 289 12.33 2.13 4.52
N TYR C 290 13.05 1.36 3.73
CA TYR C 290 13.32 0.01 4.08
C TYR C 290 14.58 -0.11 4.96
N GLU C 291 15.15 0.98 5.43
CA GLU C 291 16.19 0.94 6.45
C GLU C 291 15.59 0.87 7.84
N ALA C 292 14.26 0.81 7.89
CA ALA C 292 13.54 0.82 9.13
C ALA C 292 13.95 -0.40 9.95
N ALA C 293 14.21 -0.15 11.22
CA ALA C 293 14.43 -1.22 12.17
C ALA C 293 13.14 -1.99 12.33
N SER C 294 13.28 -3.29 12.50
CA SER C 294 12.19 -4.15 12.96
C SER C 294 11.63 -3.61 14.28
N LEU C 295 10.34 -3.27 14.29
CA LEU C 295 9.75 -2.57 15.43
C LEU C 295 9.70 -3.42 16.69
N TYR C 296 9.43 -4.71 16.50
CA TYR C 296 9.25 -5.65 17.60
C TYR C 296 10.51 -5.65 18.43
N GLY C 297 11.64 -5.83 17.74
CA GLY C 297 12.97 -5.92 18.36
C GLY C 297 13.46 -4.63 19.02
N LEU C 298 13.13 -3.50 18.40
CA LEU C 298 13.33 -2.22 19.01
C LEU C 298 12.64 -2.21 20.35
N ALA C 299 11.33 -2.16 20.35
CA ALA C 299 10.65 -1.85 21.58
C ALA C 299 10.96 -2.92 22.67
N GLU C 300 11.18 -4.19 22.30
CA GLU C 300 11.66 -5.22 23.23
C GLU C 300 13.21 -5.13 23.37
N GLY C 301 13.95 -5.90 22.56
CA GLY C 301 15.41 -5.99 22.67
C GLY C 301 16.01 -7.11 21.85
N VAL C 305 19.10 -6.44 17.33
CA VAL C 305 18.18 -5.55 16.64
C VAL C 305 18.63 -5.28 15.23
N HIS C 306 17.78 -5.54 14.25
CA HIS C 306 18.14 -5.42 12.83
C HIS C 306 17.02 -4.76 12.03
N ARG C 307 17.17 -4.68 10.72
CA ARG C 307 16.14 -4.03 9.95
C ARG C 307 15.01 -5.02 9.65
N ALA C 308 13.81 -4.46 9.51
CA ALA C 308 12.66 -5.24 9.10
C ALA C 308 12.90 -5.87 7.70
N ILE C 309 13.25 -5.04 6.72
CA ILE C 309 13.43 -5.48 5.30
C ILE C 309 14.93 -5.50 4.91
N ARG C 310 15.53 -6.68 4.71
CA ARG C 310 17.00 -6.76 4.56
C ARG C 310 17.53 -5.93 3.40
N GLU C 311 16.76 -5.82 2.30
CA GLU C 311 17.21 -5.07 1.12
C GLU C 311 16.10 -4.81 0.07
N LEU C 312 16.24 -3.72 -0.66
CA LEU C 312 15.41 -3.51 -1.84
C LEU C 312 16.26 -3.83 -3.03
N TYR C 313 15.87 -4.79 -3.87
CA TYR C 313 16.75 -5.25 -4.96
C TYR C 313 16.18 -4.87 -6.33
N VAL C 314 17.01 -4.27 -7.17
CA VAL C 314 16.58 -3.86 -8.51
C VAL C 314 17.36 -4.71 -9.52
N PRO C 315 16.81 -5.88 -9.91
CA PRO C 315 17.55 -6.78 -10.76
C PRO C 315 17.61 -6.19 -12.17
N PRO C 316 18.84 -6.01 -12.67
CA PRO C 316 19.10 -5.53 -14.02
C PRO C 316 18.76 -6.50 -15.10
N THR C 317 18.93 -7.77 -14.79
CA THR C 317 18.81 -8.87 -15.72
C THR C 317 18.36 -10.06 -14.90
N ALA C 318 17.79 -11.06 -15.58
CA ALA C 318 17.38 -12.32 -14.95
C ALA C 318 18.62 -13.04 -14.38
N ALA C 319 19.73 -12.96 -15.13
CA ALA C 319 20.95 -13.56 -14.69
C ALA C 319 21.34 -13.02 -13.35
N ASP C 320 21.12 -11.71 -13.13
CA ASP C 320 21.54 -11.15 -11.88
C ASP C 320 20.67 -11.66 -10.73
N LEU C 321 19.39 -11.91 -11.02
CA LEU C 321 18.47 -12.37 -9.95
C LEU C 321 18.89 -13.78 -9.56
N ALA C 322 19.12 -14.60 -10.59
CA ALA C 322 19.69 -15.92 -10.41
C ALA C 322 20.99 -15.86 -9.57
N ARG C 323 21.94 -14.99 -9.93
CA ARG C 323 23.19 -14.85 -9.19
C ARG C 323 23.03 -14.46 -7.75
N ARG C 324 22.23 -13.43 -7.50
CA ARG C 324 21.95 -12.94 -6.14
C ARG C 324 21.36 -14.05 -5.20
N PHE C 325 20.55 -14.92 -5.80
CA PHE C 325 19.84 -15.97 -5.05
C PHE C 325 20.76 -17.14 -4.70
N PHE C 326 21.47 -17.64 -5.70
CA PHE C 326 22.54 -18.59 -5.43
C PHE C 326 23.39 -18.06 -4.29
N ALA C 327 23.87 -16.80 -4.44
CA ALA C 327 24.75 -16.21 -3.45
C ALA C 327 24.07 -16.21 -2.11
N PHE C 328 22.76 -15.95 -2.12
CA PHE C 328 22.03 -15.86 -0.87
C PHE C 328 22.01 -17.28 -0.26
N LEU C 329 21.75 -18.27 -1.09
CA LEU C 329 21.64 -19.64 -0.57
C LEU C 329 23.02 -20.06 0.00
N ASN C 330 24.07 -19.94 -0.82
CA ASN C 330 25.44 -20.26 -0.40
C ASN C 330 25.71 -19.71 0.98
N GLU C 331 25.25 -18.50 1.21
CA GLU C 331 25.51 -17.83 2.45
C GLU C 331 24.52 -18.17 3.57
N ARG C 332 23.23 -18.32 3.25
CA ARG C 332 22.21 -18.56 4.30
C ARG C 332 22.18 -20.03 4.74
N MET C 333 22.45 -20.93 3.80
CA MET C 333 22.31 -22.35 4.06
C MET C 333 23.44 -23.01 4.89
N GLU C 334 24.45 -22.22 5.27
CA GLU C 334 25.49 -22.65 6.18
C GLU C 334 25.08 -22.42 7.65
N LEU C 335 23.84 -22.03 7.88
CA LEU C 335 23.23 -22.13 9.21
C LEU C 335 22.54 -23.48 9.35
N VAL C 336 22.28 -24.14 8.23
CA VAL C 336 21.70 -25.48 8.24
C VAL C 336 22.86 -26.48 8.21
N ASN C 337 22.83 -27.44 9.13
CA ASN C 337 23.93 -28.39 9.31
C ASN C 337 23.85 -29.43 8.23
N GLY C 338 25.00 -29.80 7.69
CA GLY C 338 25.03 -30.87 6.67
C GLY C 338 24.65 -32.26 7.17
N PRO D 1 -21.07 25.35 -9.08
CA PRO D 1 -21.59 25.05 -7.76
C PRO D 1 -21.76 23.53 -7.64
N PHE D 2 -22.43 23.05 -6.61
CA PHE D 2 -22.56 21.60 -6.39
C PHE D 2 -23.28 20.91 -7.53
N THR D 3 -24.47 21.41 -7.81
CA THR D 3 -25.24 21.02 -8.99
C THR D 3 -24.53 21.65 -10.17
N TYR D 4 -24.27 20.90 -11.21
CA TYR D 4 -23.68 21.49 -12.41
C TYR D 4 -24.53 22.63 -13.02
N SER D 5 -23.89 23.73 -13.41
CA SER D 5 -24.55 24.86 -14.10
C SER D 5 -23.71 25.28 -15.31
N ILE D 6 -24.28 25.19 -16.52
CA ILE D 6 -23.61 25.73 -17.74
C ILE D 6 -23.33 27.26 -17.60
N GLU D 7 -24.24 27.95 -16.95
CA GLU D 7 -24.06 29.37 -16.78
C GLU D 7 -22.70 29.54 -16.10
N ALA D 8 -22.63 29.09 -14.83
CA ALA D 8 -21.47 29.34 -13.94
C ALA D 8 -20.18 28.87 -14.54
N THR D 9 -20.27 27.84 -15.38
CA THR D 9 -19.12 27.25 -16.07
C THR D 9 -18.55 28.18 -17.14
N ARG D 10 -19.44 28.87 -17.87
CA ARG D 10 -19.06 29.80 -18.95
C ARG D 10 -18.55 31.14 -18.40
N ASN D 11 -19.06 31.57 -17.25
CA ASN D 11 -18.43 32.68 -16.53
C ASN D 11 -17.09 32.31 -15.88
N LEU D 12 -16.62 31.06 -15.93
CA LEU D 12 -15.26 30.80 -15.38
C LEU D 12 -14.16 31.29 -16.33
N ALA D 13 -13.20 32.02 -15.77
CA ALA D 13 -11.92 32.24 -16.46
C ALA D 13 -11.39 30.90 -17.07
N THR D 14 -10.65 31.03 -18.16
CA THR D 14 -10.06 29.87 -18.81
C THR D 14 -9.12 29.09 -17.84
N THR D 15 -8.43 29.79 -16.95
CA THR D 15 -7.59 29.12 -15.98
C THR D 15 -8.37 28.50 -14.81
N GLU D 16 -9.69 28.69 -14.80
CA GLU D 16 -10.53 28.24 -13.71
C GLU D 16 -11.39 27.09 -14.14
N ARG D 17 -11.18 26.64 -15.36
CA ARG D 17 -11.93 25.55 -15.84
C ARG D 17 -11.48 24.28 -15.12
N CYS D 18 -12.45 23.39 -14.94
CA CYS D 18 -12.27 22.12 -14.29
C CYS D 18 -11.49 21.20 -15.15
N ILE D 19 -11.66 21.28 -16.47
CA ILE D 19 -10.84 20.53 -17.41
C ILE D 19 -9.83 21.44 -18.14
N GLN D 20 -8.54 21.07 -18.13
CA GLN D 20 -7.48 21.88 -18.74
C GLN D 20 -6.90 21.09 -19.89
N ASP D 21 -7.10 21.61 -21.09
CA ASP D 21 -6.61 20.98 -22.32
C ASP D 21 -5.12 21.14 -22.36
N ILE D 22 -4.36 20.06 -22.31
CA ILE D 22 -2.92 20.21 -22.38
C ILE D 22 -2.39 19.44 -23.57
N ARG D 23 -3.18 19.35 -24.64
CA ARG D 23 -2.80 18.63 -25.86
C ARG D 23 -1.64 19.29 -26.62
N ASN D 24 -1.58 20.61 -26.67
CA ASN D 24 -0.45 21.29 -27.35
C ASN D 24 0.58 21.87 -26.37
N ALA D 25 0.30 21.73 -25.07
CA ALA D 25 1.31 21.91 -24.01
C ALA D 25 1.43 20.55 -23.29
N PRO D 26 1.96 19.50 -23.97
CA PRO D 26 1.94 18.13 -23.44
C PRO D 26 2.95 17.91 -22.29
N VAL D 27 2.49 17.25 -21.22
CA VAL D 27 3.30 17.04 -19.98
C VAL D 27 4.51 16.10 -20.19
N ARG D 28 5.72 16.59 -19.88
CA ARG D 28 6.97 15.82 -20.03
C ARG D 28 6.73 14.33 -19.84
N ASN D 29 6.67 13.56 -20.93
CA ASN D 29 6.59 12.08 -20.88
C ASN D 29 5.21 11.44 -20.70
N ARG D 30 4.15 12.23 -20.63
CA ARG D 30 2.83 11.65 -20.35
C ARG D 30 1.97 11.94 -21.54
N SER D 31 1.10 10.98 -21.89
CA SER D 31 0.17 11.11 -23.01
C SER D 31 -1.17 11.74 -22.58
N THR D 32 -1.16 12.42 -21.43
CA THR D 32 -2.37 13.03 -20.91
C THR D 32 -2.72 14.12 -21.87
N GLN D 33 -4.00 14.29 -22.20
CA GLN D 33 -4.48 15.35 -23.10
C GLN D 33 -5.27 16.45 -22.37
N PHE D 34 -6.13 16.01 -21.45
CA PHE D 34 -6.89 16.89 -20.57
C PHE D 34 -6.64 16.56 -19.10
N GLN D 35 -6.50 17.60 -18.30
CA GLN D 35 -6.27 17.43 -16.89
C GLN D 35 -7.48 17.79 -16.11
N LEU D 36 -7.66 17.02 -15.04
CA LEU D 36 -8.69 17.27 -14.11
C LEU D 36 -8.06 18.28 -13.17
N ALA D 37 -8.48 19.54 -13.26
CA ALA D 37 -7.97 20.57 -12.43
C ALA D 37 -8.67 20.50 -11.08
N GLN D 38 -8.14 19.69 -10.17
CA GLN D 38 -8.80 19.38 -8.90
C GLN D 38 -9.04 20.58 -8.03
N GLN D 39 -8.11 21.54 -8.03
CA GLN D 39 -8.31 22.74 -7.23
C GLN D 39 -9.45 23.56 -7.80
N ASN D 40 -9.53 23.70 -9.11
CA ASN D 40 -10.74 24.36 -9.75
C ASN D 40 -12.01 23.56 -9.52
N MET D 41 -11.91 22.24 -9.54
CA MET D 41 -13.08 21.40 -9.40
C MET D 41 -13.65 21.60 -8.03
N LEU D 42 -12.78 21.71 -7.02
CA LEU D 42 -13.22 21.97 -5.65
C LEU D 42 -13.78 23.39 -5.48
N ALA D 43 -13.11 24.36 -6.12
CA ALA D 43 -13.61 25.74 -6.12
C ALA D 43 -15.02 25.75 -6.66
N TYR D 44 -15.24 25.05 -7.76
CA TYR D 44 -16.52 25.02 -8.41
C TYR D 44 -17.55 24.23 -7.62
N THR D 45 -17.29 22.95 -7.41
CA THR D 45 -18.31 22.11 -6.78
C THR D 45 -18.58 22.56 -5.38
N PHE D 46 -17.56 22.90 -4.62
CA PHE D 46 -17.76 23.20 -3.18
C PHE D 46 -17.43 24.59 -2.78
N GLY D 47 -17.35 25.45 -3.82
CA GLY D 47 -17.21 26.89 -3.70
C GLY D 47 -18.07 27.44 -2.59
N GLU D 48 -19.33 27.04 -2.50
CA GLU D 48 -20.21 27.57 -1.43
C GLU D 48 -20.89 26.49 -0.55
N VAL D 49 -20.37 25.26 -0.65
CA VAL D 49 -20.89 24.12 0.10
C VAL D 49 -19.74 23.36 0.81
N ILE D 50 -19.72 23.44 2.13
CA ILE D 50 -19.00 22.44 2.97
C ILE D 50 -20.05 21.39 3.46
N PRO D 51 -19.95 20.14 2.95
CA PRO D 51 -20.92 19.12 3.33
C PRO D 51 -20.93 18.92 4.82
N GLY D 52 -22.12 18.68 5.34
CA GLY D 52 -22.35 18.61 6.75
C GLY D 52 -22.60 19.98 7.34
N PHE D 53 -22.19 21.04 6.63
CA PHE D 53 -22.51 22.40 7.05
C PHE D 53 -23.23 23.14 5.95
N ALA D 54 -23.93 22.42 5.08
CA ALA D 54 -24.75 23.09 4.08
C ALA D 54 -26.21 22.76 4.34
N SER D 55 -26.95 22.56 3.26
CA SER D 55 -28.32 22.20 3.29
C SER D 55 -28.42 20.77 3.83
N ALA D 56 -29.55 20.48 4.46
CA ALA D 56 -29.77 19.17 5.07
C ALA D 56 -29.74 18.11 3.96
N GLY D 57 -30.18 18.46 2.74
CA GLY D 57 -30.07 17.55 1.59
C GLY D 57 -28.66 17.09 1.29
N ILE D 58 -27.72 18.03 1.24
CA ILE D 58 -26.32 17.70 1.03
C ILE D 58 -25.77 17.07 2.27
N ASN D 59 -26.16 17.54 3.45
CA ASN D 59 -25.61 16.99 4.70
C ASN D 59 -25.89 15.53 4.92
N GLY D 60 -27.08 15.13 4.49
CA GLY D 60 -27.62 13.81 4.69
C GLY D 60 -27.48 12.99 3.43
N MET D 61 -26.96 13.60 2.37
CA MET D 61 -26.69 12.92 1.11
C MET D 61 -25.63 11.84 1.28
N ASP D 62 -25.71 10.79 0.47
CA ASP D 62 -24.78 9.69 0.58
C ASP D 62 -23.36 10.24 0.26
N TYR D 63 -22.44 10.14 1.24
CA TYR D 63 -21.13 10.73 1.11
C TYR D 63 -20.35 10.35 -0.17
N ARG D 64 -20.61 9.19 -0.74
CA ARG D 64 -20.00 8.80 -2.00
C ARG D 64 -20.37 9.66 -3.20
N ASP D 65 -21.64 10.06 -3.28
CA ASP D 65 -22.06 10.98 -4.37
C ASP D 65 -21.68 12.42 -4.06
N VAL D 66 -21.59 12.77 -2.79
CA VAL D 66 -20.95 14.04 -2.42
C VAL D 66 -19.53 14.06 -2.97
N ILE D 67 -18.72 13.11 -2.51
CA ILE D 67 -17.31 13.06 -2.92
C ILE D 67 -17.17 12.79 -4.42
N GLY D 68 -18.11 12.08 -5.00
CA GLY D 68 -18.09 11.82 -6.46
C GLY D 68 -18.51 13.03 -7.32
N ARG D 69 -19.16 14.00 -6.71
CA ARG D 69 -19.74 15.15 -7.45
C ARG D 69 -18.72 15.94 -8.28
N PRO D 70 -17.57 16.25 -7.72
CA PRO D 70 -16.62 17.01 -8.57
C PRO D 70 -16.14 16.35 -9.85
N VAL D 71 -15.92 15.05 -9.84
CA VAL D 71 -15.49 14.39 -11.03
C VAL D 71 -16.61 14.40 -12.09
N GLU D 72 -17.84 14.22 -11.61
CA GLU D 72 -19.03 14.16 -12.47
C GLU D 72 -19.21 15.50 -13.17
N ASN D 73 -19.04 16.57 -12.40
CA ASN D 73 -19.08 17.96 -12.90
C ASN D 73 -17.97 18.29 -13.88
N ALA D 74 -16.79 17.73 -13.64
CA ALA D 74 -15.66 17.85 -14.54
C ALA D 74 -15.88 17.12 -15.87
N VAL D 75 -16.52 15.96 -15.85
CA VAL D 75 -16.74 15.18 -17.06
C VAL D 75 -17.79 15.86 -17.92
N THR D 76 -18.84 16.38 -17.26
CA THR D 76 -19.81 17.26 -17.89
C THR D 76 -19.14 18.42 -18.63
N GLU D 77 -18.31 19.18 -17.94
CA GLU D 77 -17.58 20.25 -18.56
C GLU D 77 -16.74 19.80 -19.76
N GLY D 78 -15.98 18.73 -19.59
CA GLY D 78 -15.12 18.26 -20.66
C GLY D 78 -15.89 17.81 -21.89
N THR D 79 -17.01 17.14 -21.69
CA THR D 79 -17.80 16.65 -22.81
C THR D 79 -18.51 17.82 -23.52
N HIS D 80 -19.04 18.78 -22.76
CA HIS D 80 -19.69 19.92 -23.39
C HIS D 80 -18.63 20.70 -24.21
N PHE D 81 -17.47 20.95 -23.64
CA PHE D 81 -16.46 21.77 -24.32
C PHE D 81 -15.61 21.07 -25.38
N PHE D 82 -15.39 19.78 -25.27
CA PHE D 82 -14.56 19.10 -26.27
C PHE D 82 -15.28 17.91 -26.88
N ARG D 83 -16.56 17.77 -26.56
CA ARG D 83 -17.43 16.85 -27.27
C ARG D 83 -16.79 15.47 -27.24
N ASP D 84 -16.57 14.89 -28.43
CA ASP D 84 -16.08 13.54 -28.57
C ASP D 84 -14.58 13.38 -28.29
N ASP D 85 -13.85 14.49 -28.26
CA ASP D 85 -12.41 14.50 -27.95
C ASP D 85 -12.06 14.31 -26.47
N PHE D 86 -12.92 14.78 -25.55
CA PHE D 86 -12.66 14.67 -24.12
C PHE D 86 -12.46 13.22 -23.69
N ARG D 87 -11.21 12.87 -23.44
CA ARG D 87 -10.82 11.59 -22.87
C ARG D 87 -10.01 11.88 -21.57
N VAL D 88 -10.35 11.15 -20.50
CA VAL D 88 -9.56 11.18 -19.26
C VAL D 88 -9.27 9.79 -18.74
N ASP D 89 -8.01 9.45 -18.48
CA ASP D 89 -7.69 8.13 -17.90
C ASP D 89 -8.40 7.94 -16.58
N SER D 90 -8.92 6.76 -16.42
CA SER D 90 -9.34 6.20 -15.13
C SER D 90 -8.44 6.62 -13.93
N ASN D 91 -7.13 6.56 -14.11
CA ASN D 91 -6.19 6.86 -13.01
C ASN D 91 -6.22 8.35 -12.62
N ALA D 92 -6.71 9.21 -13.51
CA ALA D 92 -6.80 10.63 -13.21
C ALA D 92 -7.96 10.85 -12.28
N LYS D 93 -9.03 10.15 -12.60
CA LYS D 93 -10.25 10.23 -11.82
C LYS D 93 -9.95 9.66 -10.43
N ALA D 94 -9.15 8.59 -10.42
CA ALA D 94 -8.75 7.86 -9.23
C ALA D 94 -8.05 8.81 -8.27
N LYS D 95 -7.04 9.50 -8.78
CA LYS D 95 -6.18 10.37 -8.03
C LYS D 95 -6.91 11.55 -7.42
N VAL D 96 -7.63 12.23 -8.28
CA VAL D 96 -8.45 13.38 -7.90
C VAL D 96 -9.58 12.99 -6.98
N ALA D 97 -10.27 11.93 -7.29
CA ALA D 97 -11.37 11.48 -6.41
C ALA D 97 -10.78 11.20 -5.00
N GLY D 98 -9.55 10.70 -4.93
CA GLY D 98 -8.83 10.51 -3.65
C GLY D 98 -8.46 11.76 -2.88
N ASP D 99 -7.82 12.70 -3.54
CA ASP D 99 -7.49 13.94 -2.88
C ASP D 99 -8.78 14.68 -2.50
N ILE D 100 -9.84 14.54 -3.30
CA ILE D 100 -11.10 15.23 -2.99
C ILE D 100 -11.73 14.68 -1.72
N PHE D 101 -11.83 13.35 -1.64
CA PHE D 101 -12.23 12.66 -0.42
C PHE D 101 -11.58 13.25 0.81
N GLU D 102 -10.25 13.38 0.72
CA GLU D 102 -9.38 13.80 1.81
C GLU D 102 -9.51 15.26 2.15
N ILE D 103 -9.48 16.10 1.11
CA ILE D 103 -9.61 17.51 1.26
C ILE D 103 -10.96 17.86 1.82
N VAL D 104 -12.02 17.31 1.23
CA VAL D 104 -13.36 17.63 1.64
C VAL D 104 -13.66 17.14 3.03
N SER D 105 -13.24 15.90 3.33
CA SER D 105 -13.36 15.37 4.69
C SER D 105 -12.63 16.25 5.66
N SER D 106 -11.43 16.68 5.30
CA SER D 106 -10.64 17.60 6.20
C SER D 106 -11.31 18.95 6.40
N ALA D 107 -12.03 19.41 5.37
CA ALA D 107 -12.86 20.64 5.45
C ALA D 107 -14.07 20.45 6.39
N VAL D 108 -14.76 19.31 6.29
CA VAL D 108 -15.80 18.99 7.32
C VAL D 108 -15.16 19.01 8.73
N MET D 109 -14.01 18.36 8.87
CA MET D 109 -13.40 18.30 10.20
C MET D 109 -12.97 19.68 10.67
N TRP D 110 -12.56 20.54 9.71
CA TRP D 110 -12.15 21.93 10.01
C TRP D 110 -13.31 22.70 10.62
N ASN D 111 -14.47 22.60 9.99
CA ASN D 111 -15.63 23.33 10.49
C ASN D 111 -16.08 22.78 11.83
N CYS D 112 -16.01 21.47 12.04
CA CYS D 112 -16.32 20.91 13.35
C CYS D 112 -15.39 21.53 14.36
N ALA D 113 -14.09 21.59 14.09
CA ALA D 113 -13.11 22.26 14.99
C ALA D 113 -13.52 23.70 15.29
N ALA D 114 -14.01 24.42 14.26
CA ALA D 114 -14.33 25.85 14.38
C ALA D 114 -15.49 26.05 15.34
N ARG D 115 -16.57 25.29 15.15
CA ARG D 115 -17.68 25.22 16.07
C ARG D 115 -17.22 24.73 17.44
N TRP D 116 -16.45 23.68 17.46
CA TRP D 116 -16.00 23.15 18.71
C TRP D 116 -15.30 24.25 19.46
N ASN D 117 -14.29 24.83 18.80
CA ASN D 117 -13.44 25.82 19.40
C ASN D 117 -14.18 27.02 19.92
N SER D 118 -15.09 27.53 19.08
CA SER D 118 -15.96 28.64 19.45
C SER D 118 -16.78 28.33 20.71
N LEU D 119 -17.19 27.08 20.91
CA LEU D 119 -17.79 26.67 22.18
C LEU D 119 -16.81 26.71 23.33
N MET D 120 -15.67 26.04 23.14
CA MET D 120 -14.67 25.91 24.20
C MET D 120 -14.29 27.23 24.84
N VAL D 121 -14.48 28.29 24.08
CA VAL D 121 -13.97 29.61 24.32
C VAL D 121 -15.15 30.57 24.71
N GLY D 122 -16.34 30.01 24.92
CA GLY D 122 -17.39 30.71 25.61
C GLY D 122 -18.48 31.23 24.72
N GLU D 123 -18.32 31.17 23.40
CA GLU D 123 -19.26 31.85 22.49
C GLU D 123 -20.50 31.00 22.25
N GLY D 124 -20.69 29.98 23.08
CA GLY D 124 -21.81 29.07 22.93
C GLY D 124 -21.65 28.12 21.73
N TRP D 125 -22.76 27.50 21.34
CA TRP D 125 -22.81 26.41 20.37
C TRP D 125 -23.65 26.80 19.16
N ARG D 126 -23.05 26.93 17.98
CA ARG D 126 -23.79 27.29 16.77
C ARG D 126 -24.77 26.17 16.51
N SER D 127 -25.81 26.46 15.76
CA SER D 127 -27.00 25.57 15.71
C SER D 127 -27.65 25.37 14.35
N GLN D 128 -27.14 26.02 13.30
CA GLN D 128 -27.44 25.63 11.91
C GLN D 128 -26.14 25.15 11.21
N PRO D 129 -26.09 23.89 10.70
CA PRO D 129 -27.08 22.86 11.00
C PRO D 129 -26.98 22.40 12.47
N ARG D 130 -27.99 21.64 12.90
CA ARG D 130 -28.09 21.15 14.28
C ARG D 130 -27.20 19.98 14.54
N TYR D 131 -26.42 20.07 15.60
CA TYR D 131 -25.66 18.95 16.08
C TYR D 131 -25.74 18.97 17.62
N SER D 132 -25.46 17.85 18.24
CA SER D 132 -25.64 17.76 19.65
C SER D 132 -24.58 18.55 20.32
N ARG D 133 -25.02 19.59 21.02
CA ARG D 133 -24.15 20.41 21.82
C ARG D 133 -23.30 19.42 22.59
N PRO D 134 -21.99 19.37 22.35
CA PRO D 134 -21.21 18.50 23.21
C PRO D 134 -21.50 18.80 24.69
N THR D 135 -21.37 17.80 25.54
CA THR D 135 -21.67 17.95 26.98
C THR D 135 -20.48 18.38 27.79
N LEU D 136 -19.27 18.00 27.39
CA LEU D 136 -18.06 18.36 28.13
C LEU D 136 -18.02 19.85 28.44
N SER D 137 -17.21 20.22 29.44
CA SER D 137 -17.14 21.60 29.93
C SER D 137 -16.21 22.46 29.08
N PRO D 138 -16.77 23.52 28.45
CA PRO D 138 -15.96 24.47 27.67
C PRO D 138 -14.67 24.94 28.36
N SER D 139 -13.62 25.17 27.58
CA SER D 139 -12.36 25.74 28.05
C SER D 139 -11.48 26.05 26.85
N PRO D 140 -10.87 27.24 26.84
CA PRO D 140 -10.06 27.58 25.68
C PRO D 140 -8.93 26.58 25.49
N ARG D 141 -8.55 25.90 26.56
CA ARG D 141 -7.42 24.98 26.55
C ARG D 141 -7.70 23.64 25.87
N ARG D 142 -8.97 23.39 25.57
CA ARG D 142 -9.45 22.17 24.93
C ARG D 142 -9.87 22.42 23.47
N GLN D 143 -9.52 23.57 22.94
CA GLN D 143 -9.62 23.77 21.52
C GLN D 143 -8.67 22.83 20.72
N VAL D 144 -8.93 22.70 19.41
CA VAL D 144 -8.17 21.80 18.55
C VAL D 144 -7.93 22.43 17.19
N ALA D 145 -6.82 22.05 16.57
CA ALA D 145 -6.56 22.40 15.17
C ALA D 145 -6.57 21.14 14.32
N VAL D 146 -7.16 21.30 13.13
CA VAL D 146 -7.35 20.21 12.22
C VAL D 146 -6.40 20.49 11.11
N LEU D 147 -5.45 19.60 10.96
CA LEU D 147 -4.31 19.84 10.04
C LEU D 147 -4.24 18.80 8.98
N ASN D 148 -4.76 19.13 7.81
CA ASN D 148 -4.52 18.32 6.65
C ASN D 148 -3.06 18.45 6.29
N LEU D 149 -2.36 17.32 6.29
CA LEU D 149 -0.91 17.32 6.16
C LEU D 149 -0.61 17.09 4.71
N PRO D 150 0.40 17.79 4.19
CA PRO D 150 0.69 17.82 2.78
C PRO D 150 1.47 16.62 2.40
N ARG D 151 1.44 16.28 1.12
CA ARG D 151 2.32 15.30 0.62
C ARG D 151 3.76 15.67 1.05
N SER D 152 4.53 14.67 1.49
CA SER D 152 5.92 14.78 1.84
C SER D 152 6.14 15.06 3.31
N PHE D 153 5.07 15.33 4.03
CA PHE D 153 5.19 15.70 5.40
C PHE D 153 5.87 14.65 6.27
N ASP D 154 6.50 15.15 7.31
CA ASP D 154 7.03 14.29 8.36
C ASP D 154 6.30 14.72 9.60
N TRP D 155 5.41 13.89 10.13
CA TRP D 155 4.66 14.31 11.33
C TRP D 155 5.52 14.72 12.52
N VAL D 156 6.78 14.31 12.57
CA VAL D 156 7.62 14.71 13.71
C VAL D 156 7.80 16.22 13.70
N SER D 157 7.88 16.81 12.52
CA SER D 157 8.01 18.27 12.40
C SER D 157 6.96 19.04 13.18
N LEU D 158 5.84 18.40 13.57
CA LEU D 158 4.87 19.08 14.41
C LEU D 158 5.28 19.18 15.88
N LEU D 159 6.18 18.32 16.34
CA LEU D 159 6.52 18.29 17.76
C LEU D 159 7.39 19.48 18.22
N VAL D 160 7.23 19.86 19.48
CA VAL D 160 8.10 20.86 20.12
C VAL D 160 9.52 20.30 20.09
N PRO D 161 10.53 21.17 19.86
CA PRO D 161 11.90 20.63 19.63
C PRO D 161 12.46 19.66 20.68
N GLU D 162 12.18 19.89 21.96
CA GLU D 162 12.58 18.97 23.06
C GLU D 162 12.17 17.53 22.71
N SER D 163 10.87 17.36 22.42
CA SER D 163 10.33 16.12 21.81
C SER D 163 11.05 15.71 20.51
N GLN D 164 11.28 16.62 19.56
CA GLN D 164 12.07 16.23 18.42
C GLN D 164 13.51 15.81 18.73
N GLU D 165 14.16 16.41 19.72
CA GLU D 165 15.54 15.97 20.08
C GLU D 165 15.52 14.53 20.55
N VAL D 166 14.51 14.15 21.33
CA VAL D 166 14.47 12.79 21.90
C VAL D 166 14.56 11.75 20.80
N ILE D 167 13.80 12.03 19.73
CA ILE D 167 13.67 11.17 18.55
C ILE D 167 14.93 11.15 17.74
N GLU D 168 15.51 12.32 17.47
CA GLU D 168 16.73 12.30 16.70
C GLU D 168 17.88 11.61 17.47
N GLU D 169 17.90 11.74 18.80
CA GLU D 169 18.92 11.02 19.57
C GLU D 169 18.65 9.54 19.42
N PHE D 170 17.38 9.16 19.52
CA PHE D 170 17.03 7.77 19.37
C PHE D 170 17.52 7.22 18.01
N ARG D 171 17.32 8.00 16.94
CA ARG D 171 17.75 7.55 15.59
C ARG D 171 19.25 7.58 15.37
N ALA D 172 19.96 8.54 15.96
CA ALA D 172 21.46 8.47 15.98
C ALA D 172 21.91 7.11 16.56
N GLY D 173 21.37 6.73 17.72
CA GLY D 173 21.47 5.35 18.22
C GLY D 173 21.45 4.35 17.08
N LEU D 174 20.34 4.35 16.36
CA LEU D 174 20.13 3.40 15.28
C LEU D 174 21.01 3.61 14.05
N ARG D 175 21.26 4.86 13.68
CA ARG D 175 22.00 5.16 12.45
C ARG D 175 23.41 4.55 12.55
N LYS D 176 23.92 4.56 13.77
CA LYS D 176 25.21 3.95 14.07
C LYS D 176 25.18 2.43 13.77
N ASP D 177 24.01 1.78 13.90
CA ASP D 177 23.84 0.37 13.49
C ASP D 177 23.50 0.07 12.00
N GLY D 178 23.49 1.07 11.11
CA GLY D 178 22.98 0.89 9.74
C GLY D 178 21.45 0.76 9.76
N LEU D 179 20.83 1.47 10.69
CA LEU D 179 19.41 1.35 10.90
C LEU D 179 18.82 2.74 10.85
N GLY D 180 17.51 2.77 10.62
CA GLY D 180 16.75 3.97 10.89
C GLY D 180 15.43 3.71 11.52
N LEU D 181 14.71 4.80 11.81
CA LEU D 181 13.25 4.71 11.96
C LEU D 181 12.50 5.86 11.23
N PRO D 182 12.50 5.88 9.89
CA PRO D 182 11.83 6.94 9.17
C PRO D 182 10.34 7.15 9.56
N THR D 183 9.90 8.38 9.57
CA THR D 183 8.51 8.65 9.82
C THR D 183 8.01 9.32 8.57
N SER D 184 6.81 8.93 8.14
CA SER D 184 6.05 9.68 7.11
C SER D 184 4.99 10.50 7.78
N THR D 185 3.72 10.23 7.44
CA THR D 185 2.67 11.08 7.93
C THR D 185 1.33 10.44 7.78
N PRO D 186 0.41 10.71 8.72
CA PRO D 186 -1.02 10.48 8.43
C PRO D 186 -1.57 11.56 7.46
N ASP D 187 -2.81 11.45 6.99
CA ASP D 187 -3.31 12.37 5.99
C ASP D 187 -3.72 13.61 6.72
N LEU D 188 -4.01 13.47 8.02
CA LEU D 188 -4.49 14.54 8.84
C LEU D 188 -4.20 14.25 10.30
N ALA D 189 -3.94 15.31 11.08
CA ALA D 189 -3.77 15.27 12.52
C ALA D 189 -4.71 16.24 13.13
N VAL D 190 -5.20 15.87 14.31
CA VAL D 190 -5.94 16.80 15.13
C VAL D 190 -5.02 17.02 16.30
N VAL D 191 -4.66 18.28 16.51
CA VAL D 191 -3.81 18.61 17.66
C VAL D 191 -4.52 19.58 18.60
N VAL D 192 -4.18 19.51 19.88
CA VAL D 192 -4.59 20.56 20.84
C VAL D 192 -4.03 21.92 20.39
N LEU D 193 -4.91 22.93 20.23
CA LEU D 193 -4.48 24.28 19.85
C LEU D 193 -3.46 24.78 20.88
N PRO D 194 -2.25 25.16 20.40
CA PRO D 194 -1.22 25.71 21.28
C PRO D 194 -1.73 26.90 22.09
N GLU D 195 -1.36 26.97 23.37
CA GLU D 195 -1.78 28.08 24.24
C GLU D 195 -1.69 29.44 23.50
N GLU D 196 -0.56 29.68 22.87
CA GLU D 196 -0.30 30.96 22.21
C GLU D 196 -1.35 31.31 21.15
N PHE D 197 -2.14 30.33 20.72
CA PHE D 197 -3.14 30.59 19.70
C PHE D 197 -4.53 30.52 20.25
N GLN D 198 -4.67 30.05 21.48
CA GLN D 198 -6.01 29.73 21.99
C GLN D 198 -6.96 30.92 22.03
N ASN D 199 -6.47 32.11 21.70
CA ASN D 199 -7.32 33.26 21.47
C ASN D 199 -7.33 33.77 20.05
N ASP D 200 -6.92 32.96 19.09
CA ASP D 200 -6.96 33.41 17.72
C ASP D 200 -8.26 33.06 17.02
N GLU D 201 -8.91 34.09 16.50
CA GLU D 201 -10.24 33.94 15.85
C GLU D 201 -10.31 32.94 14.64
N MET D 202 -9.20 32.74 13.92
CA MET D 202 -9.22 31.97 12.66
C MET D 202 -9.55 30.49 12.87
N TRP D 203 -9.20 29.98 14.05
CA TRP D 203 -9.49 28.62 14.47
C TRP D 203 -10.95 28.37 14.94
N ARG D 204 -11.74 29.44 15.00
CA ARG D 204 -13.14 29.40 15.38
C ARG D 204 -14.04 29.72 14.19
N GLU D 205 -13.46 30.15 13.08
CA GLU D 205 -14.32 30.48 11.95
C GLU D 205 -14.51 29.26 11.06
N GLU D 206 -15.72 29.13 10.59
CA GLU D 206 -16.10 28.07 9.72
C GLU D 206 -15.98 28.60 8.32
N ILE D 207 -15.34 27.87 7.43
CA ILE D 207 -15.35 28.26 6.04
C ILE D 207 -16.72 28.03 5.36
N ALA D 208 -17.14 28.99 4.53
CA ALA D 208 -18.34 28.90 3.68
C ALA D 208 -18.26 27.85 2.58
N GLY D 209 -17.02 27.49 2.20
CA GLY D 209 -16.80 26.64 1.04
C GLY D 209 -15.32 26.52 0.72
N LEU D 210 -15.00 25.62 -0.18
CA LEU D 210 -13.61 25.43 -0.61
C LEU D 210 -13.28 26.31 -1.82
N THR D 211 -13.50 27.60 -1.69
CA THR D 211 -12.80 28.57 -2.54
C THR D 211 -11.25 28.35 -2.41
N ARG D 212 -10.49 28.84 -3.39
CA ARG D 212 -9.05 28.65 -3.40
C ARG D 212 -8.51 29.26 -2.16
N PRO D 213 -8.95 30.46 -1.81
CA PRO D 213 -8.23 30.94 -0.61
C PRO D 213 -8.48 30.02 0.60
N ASN D 214 -9.64 29.37 0.60
CA ASN D 214 -10.04 28.54 1.71
C ASN D 214 -9.29 27.20 1.66
N GLN D 215 -9.14 26.65 0.47
CA GLN D 215 -8.24 25.53 0.28
C GLN D 215 -6.86 25.83 0.86
N ILE D 216 -6.29 27.01 0.55
CA ILE D 216 -4.92 27.30 1.00
C ILE D 216 -4.90 27.45 2.54
N LEU D 217 -5.92 28.11 3.09
CA LEU D 217 -6.03 28.24 4.51
C LEU D 217 -5.93 26.83 5.13
N LEU D 218 -6.77 25.91 4.69
CA LEU D 218 -6.82 24.56 5.31
C LEU D 218 -5.52 23.76 5.08
N SER D 219 -5.05 23.78 3.85
CA SER D 219 -3.83 23.08 3.47
C SER D 219 -2.57 23.71 4.02
N GLY D 220 -2.60 24.99 4.38
CA GLY D 220 -1.41 25.63 4.95
C GLY D 220 -1.33 25.55 6.44
N ALA D 221 -2.42 25.10 7.08
CA ALA D 221 -2.63 25.30 8.51
C ALA D 221 -1.50 24.64 9.33
N TYR D 222 -0.93 23.57 8.82
CA TYR D 222 0.07 22.83 9.54
C TYR D 222 1.37 23.58 9.76
N GLN D 223 1.68 24.55 8.88
CA GLN D 223 2.93 25.31 9.02
C GLN D 223 2.92 26.02 10.36
N ARG D 224 1.75 26.50 10.73
CA ARG D 224 1.57 27.34 11.90
C ARG D 224 1.76 26.54 13.19
N LEU D 225 1.47 25.24 13.17
CA LEU D 225 1.62 24.44 14.37
C LEU D 225 2.92 23.67 14.41
N GLN D 226 3.66 23.64 13.29
CA GLN D 226 4.97 23.01 13.25
C GLN D 226 5.87 23.50 14.40
N GLY D 227 6.37 22.58 15.19
CA GLY D 227 7.19 22.94 16.31
C GLY D 227 6.49 23.34 17.60
N ARG D 228 5.15 23.29 17.63
CA ARG D 228 4.46 23.73 18.82
C ARG D 228 3.62 22.69 19.55
N VAL D 229 3.55 21.48 19.05
CA VAL D 229 2.62 20.49 19.54
C VAL D 229 3.36 19.58 20.48
N GLN D 230 2.85 19.37 21.69
CA GLN D 230 3.42 18.40 22.62
C GLN D 230 2.95 17.00 22.20
N PRO D 231 3.77 15.96 22.46
CA PRO D 231 3.47 14.58 22.04
C PRO D 231 2.06 14.15 22.37
N GLY D 232 1.61 14.41 23.61
CA GLY D 232 0.28 14.05 24.08
C GLY D 232 -0.80 14.88 23.41
N GLU D 233 -0.42 15.92 22.69
CA GLU D 233 -1.37 16.84 22.09
C GLU D 233 -1.75 16.50 20.63
N ILE D 234 -1.19 15.44 20.09
CA ILE D 234 -1.67 14.78 18.88
C ILE D 234 -2.83 13.90 19.29
N SER D 235 -4.05 14.44 19.14
CA SER D 235 -5.30 13.84 19.59
C SER D 235 -5.81 12.76 18.64
N LEU D 236 -5.69 12.99 17.33
CA LEU D 236 -6.17 12.05 16.32
C LEU D 236 -5.36 12.16 15.06
N ALA D 237 -5.02 11.00 14.51
CA ALA D 237 -4.43 10.88 13.20
C ALA D 237 -5.50 10.16 12.34
N VAL D 238 -5.72 10.60 11.11
CA VAL D 238 -6.70 9.99 10.19
C VAL D 238 -5.96 9.72 8.88
N ALA D 239 -6.14 8.53 8.35
CA ALA D 239 -5.80 8.22 6.96
C ALA D 239 -7.09 8.15 6.15
N PHE D 240 -7.16 8.91 5.08
CA PHE D 240 -8.29 8.77 4.16
C PHE D 240 -7.92 7.86 3.04
N LYS D 241 -8.84 6.95 2.71
CA LYS D 241 -8.72 6.00 1.60
C LYS D 241 -10.12 5.76 1.00
N ARG D 242 -10.38 6.36 -0.17
CA ARG D 242 -11.75 6.39 -0.70
C ARG D 242 -12.27 4.98 -0.86
N SER D 243 -11.40 4.09 -1.37
CA SER D 243 -11.69 2.66 -1.35
C SER D 243 -10.51 1.87 -0.78
N LEU D 244 -10.75 0.58 -0.52
CA LEU D 244 -9.73 -0.31 0.01
C LEU D 244 -9.52 -1.38 -0.99
N ARG D 245 -8.27 -1.84 -0.99
CA ARG D 245 -7.79 -3.02 -1.59
C ARG D 245 -6.91 -3.63 -0.51
N SER D 246 -6.85 -4.95 -0.47
CA SER D 246 -6.16 -5.61 0.66
C SER D 246 -4.68 -5.15 0.73
N ASP D 247 -4.08 -4.87 -0.43
CA ASP D 247 -2.71 -4.29 -0.47
C ASP D 247 -2.57 -2.82 -0.13
N ARG D 248 -3.67 -2.06 -0.09
CA ARG D 248 -3.67 -0.63 0.18
C ARG D 248 -3.98 -0.25 1.65
N LEU D 249 -3.86 -1.22 2.56
CA LEU D 249 -4.23 -1.05 3.97
C LEU D 249 -3.09 -0.73 4.92
N TYR D 250 -1.84 -0.88 4.45
CA TYR D 250 -0.68 -1.00 5.37
C TYR D 250 0.10 0.26 5.73
N GLN D 251 0.07 1.29 4.88
CA GLN D 251 0.76 2.49 5.24
C GLN D 251 0.29 3.06 6.58
N PRO D 252 -1.06 3.18 6.80
CA PRO D 252 -1.49 3.78 8.05
C PRO D 252 -1.35 2.79 9.24
N LEU D 253 -1.52 1.50 8.97
CA LEU D 253 -1.20 0.52 10.00
C LEU D 253 0.26 0.71 10.41
N TYR D 254 1.19 0.70 9.45
CA TYR D 254 2.60 0.87 9.77
C TYR D 254 2.90 2.16 10.47
N GLU D 255 2.42 3.28 9.93
CA GLU D 255 2.72 4.54 10.54
C GLU D 255 2.10 4.70 11.95
N ALA D 256 0.87 4.25 12.15
CA ALA D 256 0.25 4.13 13.49
C ALA D 256 1.24 3.47 14.44
N ASN D 257 1.75 2.30 14.02
CA ASN D 257 2.76 1.61 14.82
C ASN D 257 3.99 2.43 15.14
N VAL D 258 4.48 3.20 14.16
CA VAL D 258 5.70 3.99 14.39
C VAL D 258 5.40 5.16 15.28
N MET D 259 4.26 5.79 15.06
CA MET D 259 3.81 6.80 15.96
C MET D 259 3.65 6.29 17.40
N GLN D 260 3.26 5.05 17.55
CA GLN D 260 2.88 4.59 18.85
C GLN D 260 4.18 4.32 19.58
N LEU D 261 5.07 3.67 18.88
CA LEU D 261 6.40 3.44 19.36
C LEU D 261 7.09 4.75 19.78
N LEU D 262 7.02 5.80 18.95
CA LEU D 262 7.69 7.03 19.29
C LEU D 262 6.97 7.78 20.38
N LEU D 263 5.69 8.05 20.18
CA LEU D 263 4.97 8.89 21.10
C LEU D 263 4.70 8.23 22.46
N GLU D 264 4.21 7.01 22.47
CA GLU D 264 3.88 6.33 23.72
C GLU D 264 5.12 5.85 24.39
N GLY D 265 5.97 5.23 23.58
CA GLY D 265 7.16 4.52 24.04
C GLY D 265 8.30 5.41 24.44
N LYS D 266 8.71 6.32 23.56
CA LYS D 266 9.83 7.18 23.82
C LYS D 266 9.38 8.51 24.33
N LEU D 267 8.14 8.91 24.19
CA LEU D 267 7.79 10.25 24.68
C LEU D 267 6.70 10.28 25.74
N GLY D 268 6.23 9.10 26.14
CA GLY D 268 5.31 9.02 27.24
C GLY D 268 3.94 9.58 26.97
N ALA D 269 3.52 9.61 25.72
CA ALA D 269 2.18 10.06 25.40
C ALA D 269 1.16 8.97 25.77
N PRO D 270 -0.11 9.37 25.93
CA PRO D 270 -1.10 8.30 26.03
C PRO D 270 -1.22 7.50 24.71
N LYS D 271 -2.13 6.53 24.73
CA LYS D 271 -2.61 5.84 23.55
C LYS D 271 -2.80 6.83 22.41
N VAL D 272 -2.05 6.62 21.33
CA VAL D 272 -2.20 7.48 20.13
C VAL D 272 -3.39 7.00 19.27
N GLU D 273 -4.35 7.90 19.02
CA GLU D 273 -5.56 7.53 18.26
C GLU D 273 -5.34 7.76 16.77
N PHE D 274 -5.56 6.72 16.00
CA PHE D 274 -5.32 6.74 14.57
C PHE D 274 -6.45 5.91 13.97
N GLU D 275 -7.25 6.55 13.12
CA GLU D 275 -8.25 5.84 12.32
C GLU D 275 -8.07 5.96 10.80
N VAL D 276 -8.78 5.08 10.11
CA VAL D 276 -8.82 5.07 8.65
C VAL D 276 -10.28 5.29 8.26
N HIS D 277 -10.54 6.29 7.42
CA HIS D 277 -11.86 6.50 6.80
C HIS D 277 -11.85 6.01 5.40
N THR D 278 -12.87 5.23 5.09
CA THR D 278 -13.08 4.82 3.74
C THR D 278 -14.56 4.92 3.28
N LEU D 279 -14.79 4.95 1.98
CA LEU D 279 -16.16 4.92 1.46
C LEU D 279 -16.51 3.55 0.94
N ALA D 280 -15.52 2.70 0.79
CA ALA D 280 -15.71 1.45 0.08
C ALA D 280 -14.72 0.37 0.61
N PRO D 281 -15.03 -0.25 1.79
CA PRO D 281 -14.25 -1.37 2.34
C PRO D 281 -14.56 -2.72 1.67
N GLU D 282 -15.61 -2.77 0.87
CA GLU D 282 -16.13 -4.06 0.45
C GLU D 282 -15.14 -4.77 -0.50
N GLY D 283 -15.08 -6.08 -0.33
CA GLY D 283 -14.22 -6.95 -1.11
C GLY D 283 -12.89 -7.18 -0.41
N THR D 284 -12.72 -6.55 0.74
CA THR D 284 -11.52 -6.73 1.51
C THR D 284 -12.00 -7.12 2.90
N ASN D 285 -11.16 -7.70 3.75
N ASN D 285 -11.12 -7.62 3.76
CA ASN D 285 -11.53 -7.48 5.13
CA ASN D 285 -11.49 -7.60 5.17
C ASN D 285 -10.52 -6.79 5.94
C ASN D 285 -10.51 -6.79 5.97
N ALA D 286 -10.57 -5.49 5.73
CA ALA D 286 -9.79 -4.54 6.36
C ALA D 286 -10.19 -4.40 7.82
N PHE D 287 -11.40 -4.84 8.19
CA PHE D 287 -11.83 -4.64 9.57
C PHE D 287 -11.00 -5.57 10.47
N VAL D 288 -10.80 -6.78 9.96
CA VAL D 288 -9.98 -7.79 10.63
C VAL D 288 -8.51 -7.30 10.64
N THR D 289 -8.01 -6.92 9.48
CA THR D 289 -6.66 -6.40 9.41
C THR D 289 -6.35 -5.33 10.49
N TYR D 290 -7.29 -4.41 10.66
CA TYR D 290 -7.12 -3.28 11.58
C TYR D 290 -7.50 -3.58 13.02
N GLU D 291 -7.70 -4.85 13.34
CA GLU D 291 -7.79 -5.28 14.72
C GLU D 291 -6.39 -5.55 15.30
N ALA D 292 -5.36 -5.51 14.45
CA ALA D 292 -4.00 -5.77 14.88
C ALA D 292 -3.62 -4.93 16.10
N ALA D 293 -2.99 -5.61 17.05
CA ALA D 293 -2.35 -4.96 18.21
C ALA D 293 -1.17 -4.07 17.79
N SER D 294 -1.04 -2.94 18.50
CA SER D 294 0.22 -2.18 18.46
C SER D 294 1.44 -3.08 18.74
N LEU D 295 2.38 -3.12 17.81
CA LEU D 295 3.62 -3.86 17.96
C LEU D 295 4.50 -3.31 19.12
N TYR D 296 4.51 -2.01 19.36
CA TYR D 296 5.19 -1.49 20.55
C TYR D 296 4.57 -2.13 21.82
N GLY D 297 3.32 -1.82 22.13
CA GLY D 297 2.55 -2.55 23.16
C GLY D 297 3.03 -3.98 23.37
N LEU D 298 2.92 -4.80 22.33
CA LEU D 298 3.34 -6.19 22.40
C LEU D 298 4.78 -6.39 22.90
N ALA D 299 5.71 -5.61 22.40
CA ALA D 299 7.11 -5.68 22.81
C ALA D 299 7.30 -5.29 24.30
N GLU D 300 7.08 -4.00 24.63
CA GLU D 300 7.19 -3.45 25.99
C GLU D 300 5.81 -3.39 26.68
N VAL D 305 -1.87 -3.12 26.29
CA VAL D 305 -1.61 -3.13 24.84
C VAL D 305 -2.90 -2.73 24.12
N HIS D 306 -2.80 -1.97 23.03
CA HIS D 306 -3.99 -1.52 22.27
C HIS D 306 -3.85 -1.71 20.75
N ARG D 307 -4.96 -1.48 20.02
CA ARG D 307 -4.86 -1.51 18.56
C ARG D 307 -3.97 -0.40 18.02
N ALA D 308 -3.31 -0.72 16.93
CA ALA D 308 -2.60 0.31 16.16
C ALA D 308 -3.65 1.27 15.56
N ILE D 309 -4.69 0.71 14.96
CA ILE D 309 -5.74 1.50 14.31
C ILE D 309 -7.00 1.37 15.09
N ARG D 310 -7.48 2.48 15.66
CA ARG D 310 -8.60 2.44 16.58
C ARG D 310 -9.85 2.03 15.88
N GLU D 311 -9.96 2.32 14.58
CA GLU D 311 -11.18 1.99 13.85
C GLU D 311 -11.11 2.27 12.32
N LEU D 312 -11.81 1.45 11.56
CA LEU D 312 -12.10 1.71 10.16
C LEU D 312 -13.50 2.31 10.10
N TYR D 313 -13.57 3.60 9.83
CA TYR D 313 -14.83 4.30 9.78
C TYR D 313 -15.27 4.42 8.32
N VAL D 314 -16.56 4.27 8.08
CA VAL D 314 -17.15 4.35 6.77
C VAL D 314 -18.28 5.40 6.78
N PRO D 315 -17.92 6.68 6.72
CA PRO D 315 -18.91 7.71 6.90
C PRO D 315 -20.02 7.59 5.86
N PRO D 316 -21.27 7.35 6.30
CA PRO D 316 -22.38 7.30 5.34
C PRO D 316 -22.77 8.64 4.70
N THR D 317 -22.52 9.75 5.42
CA THR D 317 -22.89 11.08 5.00
C THR D 317 -21.94 12.01 5.68
N ALA D 318 -21.86 13.23 5.17
CA ALA D 318 -21.00 14.23 5.83
C ALA D 318 -21.53 14.59 7.22
N ALA D 319 -22.84 14.49 7.44
CA ALA D 319 -23.41 14.83 8.71
C ALA D 319 -22.88 13.81 9.71
N ASP D 320 -22.85 12.56 9.30
CA ASP D 320 -22.40 11.55 10.22
C ASP D 320 -20.93 11.75 10.58
N LEU D 321 -20.11 12.17 9.59
CA LEU D 321 -18.67 12.46 9.85
C LEU D 321 -18.58 13.65 10.81
N ALA D 322 -19.42 14.68 10.63
CA ALA D 322 -19.41 15.76 11.62
C ALA D 322 -19.75 15.20 13.00
N ARG D 323 -20.89 14.53 13.08
CA ARG D 323 -21.33 13.93 14.31
C ARG D 323 -20.26 13.07 15.01
N ARG D 324 -19.67 12.14 14.27
CA ARG D 324 -18.65 11.28 14.85
C ARG D 324 -17.43 12.04 15.44
N PHE D 325 -16.97 13.08 14.73
CA PHE D 325 -15.92 13.93 15.22
C PHE D 325 -16.29 14.81 16.45
N PHE D 326 -17.49 15.41 16.42
CA PHE D 326 -18.03 16.00 17.68
C PHE D 326 -18.06 14.94 18.81
N ALA D 327 -18.60 13.75 18.54
CA ALA D 327 -18.62 12.70 19.55
C ALA D 327 -17.22 12.51 20.02
N PHE D 328 -16.27 12.40 19.09
CA PHE D 328 -14.87 12.09 19.47
C PHE D 328 -14.25 13.16 20.32
N LEU D 329 -14.43 14.41 19.93
CA LEU D 329 -13.75 15.50 20.62
C LEU D 329 -14.31 15.57 22.03
N ASN D 330 -15.63 15.49 22.10
CA ASN D 330 -16.29 15.52 23.37
C ASN D 330 -15.71 14.50 24.36
N GLU D 331 -15.48 13.29 23.91
CA GLU D 331 -14.81 12.29 24.75
C GLU D 331 -13.31 12.54 24.91
N ARG D 332 -12.56 12.63 23.81
CA ARG D 332 -11.09 12.68 23.88
C ARG D 332 -10.51 13.84 24.74
N MET D 333 -11.21 14.96 24.84
CA MET D 333 -10.66 16.07 25.59
C MET D 333 -11.14 16.09 27.07
N GLU D 334 -11.57 14.93 27.59
CA GLU D 334 -11.57 14.70 29.06
C GLU D 334 -10.13 14.70 29.49
N LEU D 335 -9.27 14.14 28.65
CA LEU D 335 -7.85 14.03 28.97
C LEU D 335 -7.21 15.40 29.19
N VAL D 336 -7.69 16.43 28.49
CA VAL D 336 -7.10 17.75 28.63
C VAL D 336 -7.75 18.48 29.80
N ASN D 337 -6.96 18.81 30.82
CA ASN D 337 -7.38 19.76 31.84
C ASN D 337 -7.58 21.11 31.20
N GLY D 338 -8.84 21.47 31.02
CA GLY D 338 -9.21 22.70 30.36
C GLY D 338 -9.31 23.70 31.47
MN MN E . 3.84 -8.19 -4.87
MN MN F . 2.54 -15.13 -4.72
MN MN G . -4.88 8.78 2.11
MN MN H . -3.05 15.11 3.89
#